data_6C5N
#
_entry.id   6C5N
#
_cell.length_a   64.480
_cell.length_b   80.394
_cell.length_c   67.304
_cell.angle_alpha   90.00
_cell.angle_beta   90.13
_cell.angle_gamma   90.00
#
_symmetry.space_group_name_H-M   'P 1 21 1'
#
loop_
_entity.id
_entity.type
_entity.pdbx_description
1 polymer 'Ketol-acid reductoisomerase (NADP(+))'
2 non-polymer 'NADPH DIHYDRO-NICOTINAMIDE-ADENINE-DINUCLEOTIDE PHOSPHATE'
3 non-polymer 'MAGNESIUM ION'
4 non-polymer '[cyclopentyl(hydroxy)amino](oxo)acetic acid'
5 non-polymer '(cyclopentylamino)(oxo)acetic acid'
6 non-polymer IMIDAZOLE
7 water water
#
_entity_poly.entity_id   1
_entity_poly.type   'polypeptide(L)'
_entity_poly.pdbx_seq_one_letter_code
;TTVYYDQDVKTDALQGKKIAVVGYGSQGHAHAQNLKDNGYDVVIGIRPGRSFDKAKEDGFDVFPVAEAVKQADVIMVLLP
DEIQGDVYKNEIEPNLEKHNALAFAHGFNIHFGVIQPPADVDVFLVAPKGPGHLVRRTFVEGSAVPSLFGIQQDASGQAR
NIALSYAKGIGATRAGVIETTFKEETETDLFGEQAVLCGGVSKLIQSGFETLVEAGYQPELAYFEVLHEMKLIVDLMYEG
GMENVRYSISNTAEFGDYVSGPRVITPDVKENMKAVLTDIQNGNFSNRFIEDNKNGFKEFYKLREEQHGHQIEKVGRELR
EMMPFIKSKSIEKHHHHHH
;
_entity_poly.pdbx_strand_id   A,B
#
loop_
_chem_comp.id
_chem_comp.type
_chem_comp.name
_chem_comp.formula
81B non-polymer '(cyclopentylamino)(oxo)acetic acid' 'C7 H11 N O3'
EN4 non-polymer '[cyclopentyl(hydroxy)amino](oxo)acetic acid' 'C7 H11 N O4'
IMD non-polymer IMIDAZOLE 'C3 H5 N2 1'
MG non-polymer 'MAGNESIUM ION' 'Mg 2'
NDP non-polymer 'NADPH DIHYDRO-NICOTINAMIDE-ADENINE-DINUCLEOTIDE PHOSPHATE' 'C21 H30 N7 O17 P3'
#
# COMPACT_ATOMS: atom_id res chain seq x y z
N THR A 1 2.97 25.71 6.41
CA THR A 1 1.68 25.03 6.43
C THR A 1 0.86 25.43 5.22
N THR A 2 1.43 26.23 4.32
CA THR A 2 0.71 26.58 3.11
C THR A 2 0.78 25.40 2.14
N VAL A 3 -0.39 24.90 1.74
CA VAL A 3 -0.50 23.94 0.65
C VAL A 3 -1.19 24.65 -0.49
N TYR A 4 -0.65 24.51 -1.70
CA TYR A 4 -1.18 25.17 -2.87
C TYR A 4 -1.97 24.17 -3.69
N TYR A 5 -3.20 24.55 -4.05
CA TYR A 5 -4.05 23.79 -4.94
C TYR A 5 -4.26 24.61 -6.23
N ASP A 6 -5.02 24.05 -7.17
CA ASP A 6 -5.17 24.66 -8.50
C ASP A 6 -5.54 26.14 -8.40
N GLN A 7 -6.48 26.48 -7.51
CA GLN A 7 -6.98 27.85 -7.38
C GLN A 7 -5.96 28.79 -6.74
N ASP A 8 -4.91 28.26 -6.15
CA ASP A 8 -3.91 29.10 -5.49
C ASP A 8 -2.82 29.56 -6.42
N VAL A 9 -2.83 29.11 -7.67
CA VAL A 9 -1.86 29.49 -8.68
C VAL A 9 -2.60 30.35 -9.69
N LYS A 10 -2.46 31.66 -9.57
CA LYS A 10 -3.32 32.61 -10.24
C LYS A 10 -2.78 33.11 -11.57
N THR A 11 -1.47 33.02 -11.80
CA THR A 11 -0.86 33.43 -13.05
C THR A 11 -0.19 32.22 -13.68
N ASP A 12 -0.29 32.08 -14.99
CA ASP A 12 0.41 31.03 -15.71
C ASP A 12 1.76 31.59 -16.16
N ALA A 13 2.79 31.40 -15.32
CA ALA A 13 4.14 31.84 -15.64
C ALA A 13 4.85 30.95 -16.64
N LEU A 14 4.21 29.85 -17.05
CA LEU A 14 4.79 28.92 -18.01
C LEU A 14 4.31 29.17 -19.43
N GLN A 15 3.16 29.82 -19.59
CA GLN A 15 2.58 30.05 -20.89
C GLN A 15 3.60 30.71 -21.82
N GLY A 16 3.72 30.19 -23.04
CA GLY A 16 4.63 30.72 -24.03
C GLY A 16 6.07 30.27 -23.91
N LYS A 17 6.43 29.57 -22.83
N LYS A 17 6.42 29.57 -22.83
CA LYS A 17 7.80 29.11 -22.64
CA LYS A 17 7.79 29.10 -22.63
C LYS A 17 7.97 27.72 -23.21
C LYS A 17 7.96 27.71 -23.24
N LYS A 18 9.09 27.52 -23.92
CA LYS A 18 9.43 26.21 -24.45
C LYS A 18 10.10 25.37 -23.37
N ILE A 19 9.59 24.15 -23.15
CA ILE A 19 10.09 23.25 -22.12
C ILE A 19 10.85 22.10 -22.78
N ALA A 20 12.09 21.85 -22.32
CA ALA A 20 12.82 20.64 -22.69
C ALA A 20 12.81 19.73 -21.47
N VAL A 21 12.28 18.53 -21.63
CA VAL A 21 12.40 17.47 -20.64
C VAL A 21 13.62 16.65 -21.04
N VAL A 22 14.64 16.64 -20.19
CA VAL A 22 15.92 15.98 -20.52
C VAL A 22 15.90 14.61 -19.83
N GLY A 23 15.98 13.55 -20.62
CA GLY A 23 15.65 12.21 -20.14
C GLY A 23 14.19 11.86 -20.36
N TYR A 24 13.90 10.58 -20.48
CA TYR A 24 12.53 10.16 -20.80
C TYR A 24 12.30 8.79 -20.15
N GLY A 25 12.50 8.76 -18.83
CA GLY A 25 12.30 7.54 -18.06
C GLY A 25 11.08 7.65 -17.17
N SER A 26 11.19 7.20 -15.93
N SER A 26 11.19 7.20 -15.93
CA SER A 26 10.02 7.10 -15.07
CA SER A 26 10.02 7.09 -15.08
C SER A 26 9.37 8.46 -14.86
C SER A 26 9.36 8.45 -14.88
N GLN A 27 10.13 9.45 -14.40
CA GLN A 27 9.57 10.80 -14.25
C GLN A 27 9.47 11.52 -15.60
N GLY A 28 10.48 11.36 -16.46
CA GLY A 28 10.52 12.09 -17.71
C GLY A 28 9.28 11.93 -18.57
N HIS A 29 8.86 10.67 -18.80
CA HIS A 29 7.67 10.46 -19.63
C HIS A 29 6.42 11.05 -18.97
N ALA A 30 6.35 11.05 -17.64
CA ALA A 30 5.18 11.55 -16.93
C ALA A 30 5.11 13.07 -16.96
N HIS A 31 6.22 13.76 -16.67
CA HIS A 31 6.21 15.22 -16.75
C HIS A 31 5.87 15.68 -18.17
N ALA A 32 6.51 15.05 -19.17
CA ALA A 32 6.37 15.50 -20.55
C ALA A 32 4.95 15.30 -21.06
N GLN A 33 4.34 14.15 -20.76
CA GLN A 33 3.00 13.86 -21.24
C GLN A 33 1.95 14.67 -20.50
N ASN A 34 2.13 14.88 -19.19
CA ASN A 34 1.19 15.70 -18.43
C ASN A 34 1.23 17.15 -18.93
N LEU A 35 2.43 17.69 -19.12
CA LEU A 35 2.57 19.06 -19.59
C LEU A 35 1.98 19.22 -20.98
N LYS A 36 2.26 18.27 -21.87
CA LYS A 36 1.74 18.38 -23.21
C LYS A 36 0.22 18.28 -23.22
N ASP A 37 -0.34 17.40 -22.38
CA ASP A 37 -1.79 17.31 -22.27
C ASP A 37 -2.38 18.65 -21.85
N ASN A 38 -1.68 19.41 -21.02
CA ASN A 38 -2.13 20.72 -20.57
C ASN A 38 -1.75 21.83 -21.55
N GLY A 39 -1.30 21.48 -22.75
CA GLY A 39 -1.08 22.43 -23.81
C GLY A 39 0.26 23.14 -23.82
N TYR A 40 1.23 22.69 -23.03
CA TYR A 40 2.55 23.32 -23.06
C TYR A 40 3.43 22.73 -24.16
N ASP A 41 4.40 23.53 -24.59
CA ASP A 41 5.32 23.23 -25.70
C ASP A 41 6.49 22.44 -25.12
N VAL A 42 6.49 21.12 -25.36
CA VAL A 42 7.47 20.20 -24.77
C VAL A 42 8.24 19.51 -25.88
N VAL A 43 9.58 19.54 -25.79
CA VAL A 43 10.43 18.67 -26.58
C VAL A 43 11.27 17.85 -25.61
N ILE A 44 11.78 16.73 -26.12
CA ILE A 44 12.59 15.80 -25.31
C ILE A 44 14.04 15.91 -25.74
N GLY A 45 14.95 16.07 -24.78
CA GLY A 45 16.38 15.94 -25.04
C GLY A 45 16.87 14.61 -24.51
N ILE A 46 17.39 13.76 -25.40
CA ILE A 46 17.69 12.39 -25.02
C ILE A 46 18.71 11.82 -26.00
N ARG A 47 19.56 10.91 -25.50
CA ARG A 47 20.50 10.16 -26.31
C ARG A 47 19.79 9.05 -27.09
N PRO A 48 20.38 8.59 -28.19
CA PRO A 48 19.78 7.45 -28.92
C PRO A 48 19.63 6.24 -28.01
N GLY A 49 18.61 5.44 -28.29
CA GLY A 49 18.39 4.26 -27.50
C GLY A 49 16.91 4.04 -27.25
N ARG A 50 16.61 3.19 -26.27
CA ARG A 50 15.21 2.78 -26.07
C ARG A 50 14.34 3.95 -25.65
N SER A 51 14.87 4.85 -24.80
CA SER A 51 14.07 6.00 -24.35
C SER A 51 13.79 6.96 -25.49
N PHE A 52 14.80 7.21 -26.33
CA PHE A 52 14.63 8.00 -27.55
C PHE A 52 13.50 7.43 -28.40
N ASP A 53 13.55 6.11 -28.66
CA ASP A 53 12.52 5.47 -29.46
C ASP A 53 11.14 5.59 -28.81
N LYS A 54 11.05 5.43 -27.48
CA LYS A 54 9.75 5.52 -26.81
C LYS A 54 9.17 6.93 -26.87
N ALA A 55 10.02 7.95 -26.71
CA ALA A 55 9.51 9.32 -26.81
C ALA A 55 8.93 9.58 -28.20
N LYS A 56 9.60 9.05 -29.24
CA LYS A 56 9.08 9.19 -30.60
C LYS A 56 7.77 8.44 -30.76
N GLU A 57 7.70 7.22 -30.19
CA GLU A 57 6.44 6.46 -30.22
C GLU A 57 5.30 7.21 -29.55
N ASP A 58 5.62 7.99 -28.53
CA ASP A 58 4.64 8.73 -27.75
C ASP A 58 4.30 10.08 -28.37
N GLY A 59 4.85 10.38 -29.54
CA GLY A 59 4.42 11.55 -30.28
C GLY A 59 5.21 12.81 -30.03
N PHE A 60 6.42 12.72 -29.46
CA PHE A 60 7.22 13.90 -29.20
C PHE A 60 8.23 14.16 -30.29
N ASP A 61 8.62 15.43 -30.41
CA ASP A 61 9.84 15.77 -31.11
C ASP A 61 11.02 15.59 -30.16
N VAL A 62 12.07 14.95 -30.66
CA VAL A 62 13.15 14.43 -29.84
C VAL A 62 14.48 14.89 -30.43
N PHE A 63 15.37 15.41 -29.59
CA PHE A 63 16.64 15.99 -30.02
C PHE A 63 17.73 15.55 -29.06
N PRO A 64 19.00 15.63 -29.48
CA PRO A 64 20.10 15.53 -28.52
C PRO A 64 19.92 16.54 -27.40
N VAL A 65 20.50 16.23 -26.23
CA VAL A 65 20.31 17.10 -25.07
C VAL A 65 20.73 18.54 -25.38
N ALA A 66 21.88 18.72 -26.01
CA ALA A 66 22.38 20.08 -26.22
C ALA A 66 21.43 20.89 -27.09
N GLU A 67 20.87 20.27 -28.12
CA GLU A 67 19.92 20.96 -28.99
C GLU A 67 18.61 21.26 -28.26
N ALA A 68 18.10 20.31 -27.46
CA ALA A 68 16.89 20.63 -26.70
C ALA A 68 17.13 21.79 -25.73
N VAL A 69 18.31 21.82 -25.09
CA VAL A 69 18.62 22.93 -24.18
C VAL A 69 18.61 24.26 -24.93
N LYS A 70 19.24 24.29 -26.11
CA LYS A 70 19.26 25.52 -26.91
C LYS A 70 17.86 26.01 -27.24
N GLN A 71 16.93 25.09 -27.53
CA GLN A 71 15.57 25.47 -27.88
C GLN A 71 14.79 26.04 -26.72
N ALA A 72 15.06 25.57 -25.50
CA ALA A 72 14.11 25.67 -24.41
C ALA A 72 14.36 26.87 -23.52
N ASP A 73 13.29 27.34 -22.88
CA ASP A 73 13.37 28.32 -21.82
C ASP A 73 13.45 27.67 -20.45
N VAL A 74 12.80 26.52 -20.28
CA VAL A 74 12.80 25.76 -19.03
C VAL A 74 13.40 24.39 -19.35
N ILE A 75 14.48 24.03 -18.65
CA ILE A 75 15.18 22.78 -18.89
C ILE A 75 14.99 21.90 -17.65
N MET A 76 14.14 20.87 -17.74
CA MET A 76 13.85 20.00 -16.61
C MET A 76 14.71 18.73 -16.71
N VAL A 77 15.56 18.53 -15.72
CA VAL A 77 16.59 17.50 -15.79
C VAL A 77 16.06 16.24 -15.13
N LEU A 78 15.73 15.21 -15.94
CA LEU A 78 15.16 13.97 -15.44
C LEU A 78 16.00 12.78 -15.90
N LEU A 79 17.34 12.98 -15.84
CA LEU A 79 18.34 11.94 -15.98
C LEU A 79 18.51 11.25 -14.63
N PRO A 80 19.09 10.04 -14.60
CA PRO A 80 19.43 9.46 -13.28
C PRO A 80 20.35 10.40 -12.52
N ASP A 81 20.22 10.42 -11.17
CA ASP A 81 20.98 11.38 -10.38
C ASP A 81 22.50 11.21 -10.57
N GLU A 82 22.96 9.98 -10.72
CA GLU A 82 24.39 9.71 -10.87
C GLU A 82 24.92 10.19 -12.22
N ILE A 83 24.05 10.42 -13.19
CA ILE A 83 24.41 10.84 -14.55
C ILE A 83 24.38 12.36 -14.73
N GLN A 84 23.63 13.08 -13.88
CA GLN A 84 23.33 14.48 -14.17
C GLN A 84 24.59 15.35 -14.21
N GLY A 85 25.53 15.10 -13.30
CA GLY A 85 26.69 16.00 -13.18
C GLY A 85 27.46 16.13 -14.49
N ASP A 86 27.77 14.99 -15.10
CA ASP A 86 28.56 15.02 -16.35
C ASP A 86 27.75 15.55 -17.51
N VAL A 87 26.49 15.12 -17.66
CA VAL A 87 25.68 15.61 -18.78
C VAL A 87 25.45 17.11 -18.61
N TYR A 88 25.27 17.57 -17.37
CA TYR A 88 25.15 19.01 -17.15
C TYR A 88 26.40 19.73 -17.63
N LYS A 89 27.58 19.28 -17.20
CA LYS A 89 28.83 19.98 -17.55
C LYS A 89 29.05 19.98 -19.06
N ASN A 90 28.78 18.85 -19.70
CA ASN A 90 29.19 18.71 -21.10
C ASN A 90 28.12 19.13 -22.10
N GLU A 91 26.84 18.93 -21.78
N GLU A 91 26.83 18.99 -21.76
CA GLU A 91 25.75 19.15 -22.72
CA GLU A 91 25.78 19.19 -22.74
C GLU A 91 24.83 20.31 -22.36
C GLU A 91 24.72 20.20 -22.34
N ILE A 92 24.65 20.61 -21.07
CA ILE A 92 23.63 21.58 -20.66
C ILE A 92 24.26 22.96 -20.44
N GLU A 93 25.22 23.03 -19.51
CA GLU A 93 25.85 24.29 -19.13
C GLU A 93 26.34 25.10 -20.32
N PRO A 94 27.05 24.53 -21.31
CA PRO A 94 27.56 25.36 -22.42
C PRO A 94 26.46 25.97 -23.27
N ASN A 95 25.22 25.48 -23.16
CA ASN A 95 24.13 25.93 -23.99
C ASN A 95 23.05 26.69 -23.24
N LEU A 96 23.20 26.88 -21.92
CA LEU A 96 22.25 27.70 -21.19
C LEU A 96 22.37 29.16 -21.62
N GLU A 97 21.25 29.88 -21.54
CA GLU A 97 21.20 31.31 -21.76
C GLU A 97 20.71 32.04 -20.51
N LYS A 98 21.07 33.33 -20.44
CA LYS A 98 20.58 34.20 -19.39
C LYS A 98 19.06 34.10 -19.24
N HIS A 99 18.64 33.82 -18.00
CA HIS A 99 17.25 33.75 -17.58
C HIS A 99 16.49 32.55 -18.13
N ASN A 100 17.17 31.56 -18.69
CA ASN A 100 16.59 30.22 -18.71
C ASN A 100 16.31 29.78 -17.27
N ALA A 101 15.47 28.74 -17.13
CA ALA A 101 15.27 28.11 -15.83
C ALA A 101 15.76 26.68 -15.92
N LEU A 102 16.59 26.29 -14.96
CA LEU A 102 17.09 24.93 -14.83
C LEU A 102 16.32 24.25 -13.69
N ALA A 103 15.69 23.12 -13.98
CA ALA A 103 14.78 22.50 -13.01
C ALA A 103 15.17 21.04 -12.78
N PHE A 104 14.72 20.53 -11.62
CA PHE A 104 14.99 19.17 -11.19
C PHE A 104 13.72 18.63 -10.54
N ALA A 105 13.65 17.31 -10.43
CA ALA A 105 12.62 16.66 -9.61
C ALA A 105 13.19 16.04 -8.33
N HIS A 106 14.45 16.32 -8.00
CA HIS A 106 15.11 15.85 -6.78
C HIS A 106 16.24 16.82 -6.56
N GLY A 107 16.47 17.19 -5.30
CA GLY A 107 17.47 18.21 -5.03
C GLY A 107 18.90 17.72 -4.95
N PHE A 108 19.12 16.42 -5.18
CA PHE A 108 20.39 15.75 -4.87
C PHE A 108 21.61 16.47 -5.47
N ASN A 109 21.60 16.69 -6.79
CA ASN A 109 22.80 17.23 -7.43
C ASN A 109 23.09 18.67 -7.02
N ILE A 110 22.07 19.48 -6.82
CA ILE A 110 22.29 20.87 -6.43
C ILE A 110 22.71 20.93 -4.96
N HIS A 111 21.98 20.21 -4.11
CA HIS A 111 22.23 20.28 -2.68
C HIS A 111 23.63 19.75 -2.33
N PHE A 112 24.03 18.64 -2.94
CA PHE A 112 25.34 18.07 -2.64
C PHE A 112 26.46 18.70 -3.50
N GLY A 113 26.15 19.77 -4.25
CA GLY A 113 27.17 20.58 -4.93
C GLY A 113 27.76 19.97 -6.17
N VAL A 114 27.14 18.93 -6.72
CA VAL A 114 27.62 18.33 -7.96
C VAL A 114 27.42 19.27 -9.13
N ILE A 115 26.31 20.00 -9.14
CA ILE A 115 25.95 20.93 -10.20
C ILE A 115 25.94 22.31 -9.59
N GLN A 116 26.71 23.24 -10.18
CA GLN A 116 26.84 24.60 -9.69
C GLN A 116 26.42 25.55 -10.81
N PRO A 117 25.15 25.95 -10.84
CA PRO A 117 24.63 26.66 -12.02
C PRO A 117 25.14 28.09 -12.06
N PRO A 118 25.06 28.73 -13.21
CA PRO A 118 25.46 30.13 -13.31
C PRO A 118 24.48 31.04 -12.58
N ALA A 119 24.98 32.21 -12.17
CA ALA A 119 24.20 33.10 -11.32
C ALA A 119 22.96 33.65 -12.02
N ASP A 120 22.91 33.65 -13.36
CA ASP A 120 21.85 34.37 -14.06
C ASP A 120 20.83 33.42 -14.69
N VAL A 121 20.70 32.21 -14.14
CA VAL A 121 19.62 31.30 -14.53
C VAL A 121 18.78 31.04 -13.29
N ASP A 122 17.47 30.85 -13.50
CA ASP A 122 16.61 30.38 -12.42
C ASP A 122 16.93 28.90 -12.12
N VAL A 123 16.79 28.50 -10.86
CA VAL A 123 17.01 27.09 -10.51
C VAL A 123 15.90 26.69 -9.56
N PHE A 124 15.09 25.69 -9.94
CA PHE A 124 14.00 25.27 -9.06
C PHE A 124 13.84 23.76 -9.13
N LEU A 125 13.10 23.23 -8.18
CA LEU A 125 12.71 21.82 -8.22
C LEU A 125 11.20 21.72 -8.11
N VAL A 126 10.68 20.71 -8.78
CA VAL A 126 9.29 20.28 -8.58
C VAL A 126 9.40 18.77 -8.45
N ALA A 127 9.20 18.26 -7.24
CA ALA A 127 9.49 16.87 -6.87
C ALA A 127 8.20 16.14 -6.55
N PRO A 128 7.67 15.30 -7.45
CA PRO A 128 6.47 14.51 -7.11
C PRO A 128 6.79 13.48 -6.05
N LYS A 129 5.93 13.40 -5.05
CA LYS A 129 6.08 12.41 -3.99
C LYS A 129 5.37 11.12 -4.41
N GLY A 130 5.90 10.55 -5.49
CA GLY A 130 5.35 9.32 -6.01
C GLY A 130 6.10 8.87 -7.25
N PRO A 131 5.91 7.61 -7.61
CA PRO A 131 6.65 7.05 -8.76
C PRO A 131 6.11 7.61 -10.07
N GLY A 132 7.04 7.79 -11.04
CA GLY A 132 6.71 8.47 -12.29
C GLY A 132 5.54 7.85 -13.04
N HIS A 133 5.49 6.50 -13.10
CA HIS A 133 4.38 5.89 -13.83
C HIS A 133 3.04 6.24 -13.22
N LEU A 134 2.98 6.47 -11.90
CA LEU A 134 1.72 6.91 -11.30
C LEU A 134 1.56 8.42 -11.33
N VAL A 135 2.66 9.20 -11.41
CA VAL A 135 2.49 10.61 -11.74
C VAL A 135 1.66 10.74 -13.01
N ARG A 136 1.95 9.88 -13.99
CA ARG A 136 1.21 9.87 -15.26
C ARG A 136 -0.18 9.29 -15.06
N ARG A 137 -0.27 8.11 -14.43
CA ARG A 137 -1.57 7.43 -14.37
C ARG A 137 -2.61 8.22 -13.59
N THR A 138 -2.24 8.78 -12.44
CA THR A 138 -3.21 9.55 -11.66
C THR A 138 -3.71 10.74 -12.47
N PHE A 139 -2.80 11.42 -13.19
CA PHE A 139 -3.20 12.57 -14.00
C PHE A 139 -4.23 12.16 -15.06
N VAL A 140 -3.99 11.05 -15.74
CA VAL A 140 -4.90 10.55 -16.77
C VAL A 140 -6.26 10.21 -16.17
N GLU A 141 -6.28 9.74 -14.93
CA GLU A 141 -7.51 9.39 -14.23
C GLU A 141 -8.17 10.57 -13.53
N GLY A 142 -7.62 11.77 -13.65
CA GLY A 142 -8.20 12.94 -13.02
C GLY A 142 -7.66 13.30 -11.66
N SER A 143 -6.87 12.44 -11.03
CA SER A 143 -6.21 12.87 -9.80
C SER A 143 -4.77 13.32 -10.09
N ALA A 144 -3.90 13.22 -9.09
CA ALA A 144 -2.51 13.62 -9.23
C ALA A 144 -1.71 13.12 -8.03
N VAL A 145 -0.40 13.24 -8.16
CA VAL A 145 0.53 12.93 -7.07
C VAL A 145 0.94 14.25 -6.42
N PRO A 146 0.86 14.38 -5.11
CA PRO A 146 1.32 15.63 -4.46
C PRO A 146 2.79 15.87 -4.78
N SER A 147 3.17 17.15 -4.84
CA SER A 147 4.56 17.48 -5.16
C SER A 147 5.08 18.54 -4.20
N LEU A 148 6.40 18.59 -4.10
CA LEU A 148 7.10 19.68 -3.44
C LEU A 148 7.69 20.58 -4.53
N PHE A 149 7.81 21.87 -4.20
CA PHE A 149 8.55 22.79 -5.06
C PHE A 149 9.50 23.64 -4.24
N GLY A 150 10.61 24.03 -4.86
CA GLY A 150 11.58 24.82 -4.13
C GLY A 150 12.40 25.64 -5.09
N ILE A 151 12.88 26.77 -4.60
CA ILE A 151 13.64 27.72 -5.43
C ILE A 151 15.03 27.83 -4.83
N GLN A 152 16.05 27.49 -5.63
CA GLN A 152 17.45 27.68 -5.25
C GLN A 152 17.96 29.04 -5.68
N GLN A 153 17.61 29.50 -6.88
CA GLN A 153 18.08 30.79 -7.43
C GLN A 153 16.94 31.45 -8.18
N ASP A 154 16.73 32.74 -7.92
CA ASP A 154 15.73 33.53 -8.64
C ASP A 154 16.46 34.66 -9.36
N ALA A 155 16.94 34.36 -10.56
CA ALA A 155 17.63 35.37 -11.36
C ALA A 155 16.67 36.23 -12.17
N SER A 156 15.55 35.67 -12.62
CA SER A 156 14.63 36.39 -13.48
C SER A 156 13.66 37.26 -12.69
N GLY A 157 13.53 37.00 -11.39
CA GLY A 157 12.46 37.57 -10.61
C GLY A 157 11.15 36.80 -10.68
N GLN A 158 11.05 35.80 -11.55
CA GLN A 158 9.81 35.02 -11.71
C GLN A 158 9.98 33.54 -11.38
N ALA A 159 11.08 33.14 -10.71
CA ALA A 159 11.36 31.72 -10.56
C ALA A 159 10.30 31.01 -9.73
N ARG A 160 9.81 31.66 -8.66
CA ARG A 160 8.79 31.02 -7.83
C ARG A 160 7.50 30.80 -8.60
N ASN A 161 7.08 31.78 -9.41
CA ASN A 161 5.84 31.62 -10.18
C ASN A 161 6.01 30.59 -11.29
N ILE A 162 7.19 30.52 -11.90
CA ILE A 162 7.45 29.49 -12.91
C ILE A 162 7.34 28.11 -12.27
N ALA A 163 7.94 27.94 -11.09
CA ALA A 163 7.89 26.65 -10.41
C ALA A 163 6.46 26.26 -10.05
N LEU A 164 5.66 27.21 -9.56
CA LEU A 164 4.28 26.88 -9.24
C LEU A 164 3.48 26.55 -10.50
N SER A 165 3.67 27.30 -11.58
CA SER A 165 2.96 26.98 -12.81
C SER A 165 3.41 25.63 -13.38
N TYR A 166 4.69 25.28 -13.20
CA TYR A 166 5.18 23.97 -13.61
C TYR A 166 4.50 22.87 -12.79
N ALA A 167 4.46 23.04 -11.48
CA ALA A 167 3.81 22.06 -10.62
C ALA A 167 2.34 21.92 -11.01
N LYS A 168 1.67 23.04 -11.27
CA LYS A 168 0.27 22.95 -11.72
C LYS A 168 0.17 22.27 -13.08
N GLY A 169 1.15 22.52 -13.96
CA GLY A 169 1.11 21.97 -15.30
C GLY A 169 1.33 20.48 -15.36
N ILE A 170 2.01 19.89 -14.37
CA ILE A 170 2.08 18.43 -14.32
C ILE A 170 0.92 17.85 -13.51
N GLY A 171 -0.02 18.69 -13.07
CA GLY A 171 -1.19 18.23 -12.36
C GLY A 171 -1.09 18.22 -10.85
N ALA A 172 0.08 18.52 -10.28
CA ALA A 172 0.33 18.26 -8.86
C ALA A 172 -0.57 19.08 -7.93
N THR A 173 -1.00 20.28 -8.35
CA THR A 173 -1.81 21.08 -7.46
C THR A 173 -3.22 20.54 -7.28
N ARG A 174 -3.63 19.53 -8.05
CA ARG A 174 -4.87 18.83 -7.74
C ARG A 174 -4.78 18.13 -6.39
N ALA A 175 -3.60 17.59 -6.07
CA ALA A 175 -3.40 16.84 -4.83
C ALA A 175 -2.83 17.69 -3.71
N GLY A 176 -2.10 18.77 -4.05
CA GLY A 176 -1.45 19.56 -3.03
C GLY A 176 0.02 19.72 -3.34
N VAL A 177 0.53 20.95 -3.24
CA VAL A 177 1.93 21.28 -3.49
C VAL A 177 2.43 22.10 -2.30
N ILE A 178 3.60 21.72 -1.77
CA ILE A 178 4.18 22.39 -0.61
C ILE A 178 5.57 22.89 -0.96
N GLU A 179 5.90 24.10 -0.51
CA GLU A 179 7.21 24.68 -0.74
C GLU A 179 8.23 24.07 0.21
N THR A 180 9.42 23.91 -0.23
CA THR A 180 10.52 23.29 0.50
C THR A 180 11.82 23.89 -0.02
N THR A 181 12.94 23.47 0.55
CA THR A 181 14.28 23.83 0.10
C THR A 181 14.92 22.63 -0.57
N PHE A 182 16.02 22.88 -1.29
CA PHE A 182 16.73 21.77 -1.90
C PHE A 182 17.29 20.83 -0.84
N LYS A 183 17.73 21.38 0.29
CA LYS A 183 18.21 20.52 1.38
C LYS A 183 17.08 19.66 1.94
N GLU A 184 15.94 20.27 2.26
CA GLU A 184 14.90 19.49 2.91
C GLU A 184 14.35 18.44 1.97
N GLU A 185 14.10 18.80 0.71
CA GLU A 185 13.63 17.78 -0.23
C GLU A 185 14.63 16.64 -0.33
N THR A 186 15.91 16.95 -0.49
CA THR A 186 16.89 15.89 -0.70
C THR A 186 16.92 14.94 0.49
N GLU A 187 17.02 15.50 1.70
CA GLU A 187 17.18 14.65 2.87
C GLU A 187 15.92 13.84 3.16
N THR A 188 14.74 14.46 3.07
CA THR A 188 13.51 13.72 3.38
C THR A 188 13.23 12.67 2.33
N ASP A 189 13.54 12.99 1.07
CA ASP A 189 13.25 12.05 -0.01
C ASP A 189 14.15 10.82 0.09
N LEU A 190 15.44 11.03 0.32
CA LEU A 190 16.34 9.90 0.52
C LEU A 190 15.90 9.10 1.72
N PHE A 191 15.47 9.77 2.80
CA PHE A 191 15.06 9.03 3.99
C PHE A 191 13.84 8.18 3.71
N GLY A 192 12.81 8.76 3.08
CA GLY A 192 11.56 8.02 2.89
C GLY A 192 11.73 6.77 2.03
N GLU A 193 12.41 6.92 0.90
CA GLU A 193 12.61 5.75 0.06
C GLU A 193 13.47 4.69 0.76
N GLN A 194 14.48 5.10 1.54
CA GLN A 194 15.35 4.13 2.20
C GLN A 194 14.65 3.46 3.38
N ALA A 195 14.04 4.25 4.26
CA ALA A 195 13.62 3.69 5.54
C ALA A 195 12.18 3.23 5.56
N VAL A 196 11.37 3.66 4.60
CA VAL A 196 9.91 3.41 4.69
C VAL A 196 9.35 2.85 3.39
N LEU A 197 9.45 3.60 2.30
CA LEU A 197 8.67 3.30 1.09
C LEU A 197 9.26 2.15 0.28
N CYS A 198 10.58 2.03 0.23
CA CYS A 198 11.23 0.97 -0.54
C CYS A 198 11.97 0.03 0.40
N GLY A 199 13.04 0.48 1.03
CA GLY A 199 13.80 -0.40 1.91
C GLY A 199 12.94 -0.94 3.05
N GLY A 200 12.28 -0.06 3.80
CA GLY A 200 11.55 -0.52 4.99
C GLY A 200 10.40 -1.47 4.69
N VAL A 201 9.46 -1.07 3.83
CA VAL A 201 8.27 -1.90 3.64
C VAL A 201 8.60 -3.18 2.88
N SER A 202 9.54 -3.13 1.92
N SER A 202 9.51 -3.11 1.89
CA SER A 202 9.91 -4.35 1.22
CA SER A 202 9.86 -4.33 1.18
C SER A 202 10.50 -5.38 2.17
C SER A 202 10.51 -5.36 2.11
N LYS A 203 11.43 -4.95 3.03
N LYS A 203 11.37 -4.89 3.01
CA LYS A 203 12.03 -5.88 3.98
CA LYS A 203 12.02 -5.82 3.95
C LYS A 203 11.04 -6.33 5.04
C LYS A 203 11.03 -6.32 5.00
N LEU A 204 10.10 -5.46 5.43
CA LEU A 204 9.03 -5.91 6.34
C LEU A 204 8.24 -7.04 5.73
N ILE A 205 7.76 -6.84 4.49
CA ILE A 205 6.96 -7.83 3.78
C ILE A 205 7.78 -9.09 3.55
N GLN A 206 9.02 -8.93 3.06
N GLN A 206 9.03 -8.95 3.10
CA GLN A 206 9.91 -10.07 2.86
CA GLN A 206 9.84 -10.13 2.86
C GLN A 206 10.08 -10.87 4.15
C GLN A 206 10.12 -10.90 4.16
N SER A 207 10.37 -10.18 5.25
CA SER A 207 10.57 -10.88 6.52
C SER A 207 9.32 -11.62 6.96
N GLY A 208 8.13 -11.04 6.73
CA GLY A 208 6.92 -11.75 7.09
C GLY A 208 6.66 -12.95 6.20
N PHE A 209 6.86 -12.77 4.89
CA PHE A 209 6.72 -13.88 3.95
C PHE A 209 7.65 -15.02 4.32
N GLU A 210 8.93 -14.71 4.57
CA GLU A 210 9.90 -15.75 4.93
C GLU A 210 9.54 -16.44 6.22
N THR A 211 9.07 -15.68 7.23
CA THR A 211 8.67 -16.29 8.48
C THR A 211 7.58 -17.33 8.24
N LEU A 212 6.60 -17.01 7.39
CA LEU A 212 5.52 -17.97 7.15
C LEU A 212 6.00 -19.17 6.35
N VAL A 213 6.83 -18.95 5.32
CA VAL A 213 7.20 -20.08 4.48
C VAL A 213 8.21 -20.98 5.20
N GLU A 214 9.11 -20.37 5.98
CA GLU A 214 10.02 -21.16 6.80
C GLU A 214 9.28 -22.02 7.80
N ALA A 215 8.10 -21.58 8.24
CA ALA A 215 7.33 -22.37 9.19
C ALA A 215 6.51 -23.47 8.52
N GLY A 216 6.52 -23.53 7.19
CA GLY A 216 5.87 -24.59 6.46
C GLY A 216 4.51 -24.27 5.88
N TYR A 217 4.07 -23.02 5.98
CA TYR A 217 2.80 -22.63 5.42
C TYR A 217 2.90 -22.47 3.88
N GLN A 218 1.75 -22.54 3.23
CA GLN A 218 1.73 -22.54 1.75
C GLN A 218 2.24 -21.19 1.24
N PRO A 219 3.17 -21.18 0.29
CA PRO A 219 3.74 -19.89 -0.19
C PRO A 219 2.71 -18.98 -0.85
N GLU A 220 1.77 -19.56 -1.60
CA GLU A 220 0.76 -18.73 -2.25
C GLU A 220 -0.11 -18.03 -1.22
N LEU A 221 -0.46 -18.75 -0.15
CA LEU A 221 -1.19 -18.16 0.95
C LEU A 221 -0.40 -17.01 1.56
N ALA A 222 0.89 -17.25 1.83
CA ALA A 222 1.74 -16.22 2.40
C ALA A 222 1.80 -14.98 1.52
N TYR A 223 1.84 -15.15 0.19
CA TYR A 223 1.83 -14.01 -0.71
C TYR A 223 0.55 -13.20 -0.57
N PHE A 224 -0.60 -13.89 -0.51
CA PHE A 224 -1.85 -13.15 -0.40
C PHE A 224 -1.91 -12.41 0.94
N GLU A 225 -1.37 -13.05 2.00
CA GLU A 225 -1.48 -12.51 3.36
C GLU A 225 -0.59 -11.29 3.55
N VAL A 226 0.68 -11.36 3.16
CA VAL A 226 1.59 -10.28 3.54
C VAL A 226 1.93 -9.31 2.42
N LEU A 227 1.64 -9.62 1.15
CA LEU A 227 1.97 -8.70 0.07
C LEU A 227 0.70 -8.19 -0.61
N HIS A 228 -0.12 -9.09 -1.19
CA HIS A 228 -1.31 -8.65 -1.90
C HIS A 228 -2.22 -7.83 -0.99
N GLU A 229 -2.45 -8.31 0.25
CA GLU A 229 -3.34 -7.62 1.14
C GLU A 229 -2.78 -6.29 1.62
N MET A 230 -1.46 -6.09 1.55
CA MET A 230 -0.90 -4.80 1.93
C MET A 230 -1.56 -3.67 1.14
N LYS A 231 -1.82 -3.88 -0.16
CA LYS A 231 -2.40 -2.82 -0.97
C LYS A 231 -3.78 -2.45 -0.46
N LEU A 232 -4.52 -3.44 0.06
CA LEU A 232 -5.88 -3.18 0.52
C LEU A 232 -5.87 -2.41 1.84
N ILE A 233 -5.04 -2.83 2.81
CA ILE A 233 -5.02 -2.10 4.08
C ILE A 233 -4.42 -0.71 3.89
N VAL A 234 -3.41 -0.57 3.01
CA VAL A 234 -2.84 0.75 2.79
C VAL A 234 -3.84 1.64 2.05
N ASP A 235 -4.64 1.09 1.13
CA ASP A 235 -5.72 1.88 0.53
C ASP A 235 -6.62 2.47 1.63
N LEU A 236 -6.97 1.65 2.63
CA LEU A 236 -7.83 2.16 3.70
C LEU A 236 -7.13 3.27 4.48
N MET A 237 -5.83 3.10 4.77
CA MET A 237 -5.09 4.14 5.49
C MET A 237 -5.03 5.42 4.68
N TYR A 238 -4.79 5.28 3.38
CA TYR A 238 -4.69 6.43 2.48
C TYR A 238 -6.00 7.20 2.40
N GLU A 239 -7.13 6.49 2.41
CA GLU A 239 -8.44 7.13 2.19
C GLU A 239 -9.02 7.74 3.44
N GLY A 240 -8.81 7.13 4.59
CA GLY A 240 -9.60 7.54 5.72
C GLY A 240 -8.73 7.68 6.94
N GLY A 241 -7.44 7.48 6.75
CA GLY A 241 -6.47 7.67 7.79
C GLY A 241 -6.30 6.44 8.67
N MET A 242 -5.26 6.52 9.49
CA MET A 242 -4.96 5.36 10.30
C MET A 242 -6.11 5.00 11.26
N GLU A 243 -7.20 5.78 11.34
CA GLU A 243 -8.39 5.25 12.03
C GLU A 243 -9.51 4.78 11.11
N ASN A 244 -9.45 5.05 9.80
CA ASN A 244 -10.20 4.22 8.87
C ASN A 244 -9.93 2.74 9.13
N VAL A 245 -8.74 2.44 9.66
CA VAL A 245 -8.32 1.05 9.77
C VAL A 245 -9.15 0.31 10.81
N ARG A 246 -9.25 0.85 12.03
CA ARG A 246 -9.89 0.08 13.11
C ARG A 246 -11.36 -0.19 12.84
N TYR A 247 -12.08 0.74 12.19
CA TYR A 247 -13.47 0.46 11.93
C TYR A 247 -13.66 -0.53 10.79
N SER A 248 -12.60 -0.90 10.07
CA SER A 248 -12.67 -1.86 8.98
C SER A 248 -12.10 -3.24 9.32
N ILE A 249 -11.20 -3.34 10.29
CA ILE A 249 -10.62 -4.62 10.66
C ILE A 249 -11.40 -5.21 11.83
N SER A 250 -11.14 -6.50 12.13
CA SER A 250 -11.82 -7.16 13.24
C SER A 250 -11.25 -6.68 14.56
N ASN A 251 -12.04 -6.85 15.64
CA ASN A 251 -11.47 -6.57 16.95
C ASN A 251 -10.27 -7.47 17.23
N THR A 252 -10.29 -8.71 16.73
CA THR A 252 -9.16 -9.62 16.89
C THR A 252 -7.89 -9.01 16.29
N ALA A 253 -7.99 -8.49 15.09
CA ALA A 253 -6.83 -7.84 14.46
C ALA A 253 -6.44 -6.55 15.17
N GLU A 254 -7.43 -5.75 15.59
CA GLU A 254 -7.11 -4.51 16.29
C GLU A 254 -6.34 -4.80 17.57
N PHE A 255 -6.79 -5.79 18.33
CA PHE A 255 -6.06 -6.19 19.53
C PHE A 255 -4.68 -6.73 19.17
N GLY A 256 -4.60 -7.57 18.13
CA GLY A 256 -3.30 -8.06 17.68
C GLY A 256 -2.34 -6.94 17.29
N ASP A 257 -2.85 -5.91 16.60
CA ASP A 257 -2.04 -4.73 16.28
C ASP A 257 -1.40 -4.19 17.56
N TYR A 258 -2.22 -3.91 18.57
CA TYR A 258 -1.73 -3.27 19.78
C TYR A 258 -0.73 -4.12 20.54
N VAL A 259 -0.92 -5.44 20.57
CA VAL A 259 -0.05 -6.26 21.41
C VAL A 259 1.21 -6.72 20.66
N SER A 260 1.15 -6.85 19.33
CA SER A 260 2.28 -7.40 18.60
C SER A 260 3.02 -6.39 17.72
N GLY A 261 2.37 -5.32 17.28
CA GLY A 261 3.02 -4.27 16.53
C GLY A 261 4.31 -3.81 17.19
N PRO A 262 4.25 -3.47 18.49
CA PRO A 262 5.47 -3.01 19.18
C PRO A 262 6.48 -4.11 19.44
N ARG A 263 6.08 -5.37 19.38
CA ARG A 263 7.06 -6.45 19.51
C ARG A 263 7.89 -6.58 18.24
N VAL A 264 7.30 -6.26 17.10
CA VAL A 264 8.01 -6.35 15.82
C VAL A 264 8.77 -5.08 15.51
N ILE A 265 8.07 -3.94 15.52
CA ILE A 265 8.70 -2.64 15.28
C ILE A 265 8.98 -2.05 16.65
N THR A 266 10.15 -2.40 17.20
CA THR A 266 10.57 -2.01 18.54
C THR A 266 11.20 -0.62 18.49
N PRO A 267 11.52 -0.05 19.65
CA PRO A 267 12.26 1.23 19.63
C PRO A 267 13.58 1.14 18.90
N ASP A 268 14.21 -0.04 18.83
CA ASP A 268 15.46 -0.19 18.08
C ASP A 268 15.24 0.19 16.62
N VAL A 269 14.07 -0.15 16.07
CA VAL A 269 13.83 0.15 14.66
C VAL A 269 13.80 1.65 14.42
N LYS A 270 13.16 2.40 15.32
CA LYS A 270 13.18 3.86 15.18
C LYS A 270 14.59 4.43 15.31
N GLU A 271 15.40 3.87 16.23
CA GLU A 271 16.81 4.26 16.31
C GLU A 271 17.54 3.93 15.02
N ASN A 272 17.22 2.78 14.42
CA ASN A 272 17.81 2.43 13.13
C ASN A 272 17.47 3.49 12.08
N MET A 273 16.22 3.97 12.09
CA MET A 273 15.84 5.01 11.15
C MET A 273 16.64 6.27 11.36
N LYS A 274 16.87 6.65 12.62
CA LYS A 274 17.68 7.83 12.91
C LYS A 274 19.09 7.68 12.34
N ALA A 275 19.65 6.46 12.42
CA ALA A 275 21.00 6.24 11.89
C ALA A 275 21.02 6.39 10.38
N VAL A 276 19.98 5.86 9.72
CA VAL A 276 19.86 6.06 8.28
C VAL A 276 19.76 7.54 7.95
N LEU A 277 18.94 8.29 8.70
CA LEU A 277 18.80 9.72 8.42
C LEU A 277 20.13 10.46 8.63
N THR A 278 20.84 10.13 9.71
CA THR A 278 22.12 10.78 9.97
C THR A 278 23.09 10.58 8.81
N ASP A 279 23.15 9.36 8.25
CA ASP A 279 24.07 9.10 7.15
C ASP A 279 23.61 9.76 5.85
N ILE A 280 22.34 10.17 5.77
CA ILE A 280 21.90 11.02 4.66
C ILE A 280 22.35 12.47 4.89
N GLN A 281 22.17 12.95 6.12
CA GLN A 281 22.46 14.36 6.43
C GLN A 281 23.94 14.66 6.39
N ASN A 282 24.79 13.68 6.68
CA ASN A 282 26.21 13.96 6.81
C ASN A 282 26.99 13.62 5.55
N GLY A 283 26.28 13.24 4.48
CA GLY A 283 26.92 12.96 3.22
C GLY A 283 27.42 11.56 3.04
N ASN A 284 27.30 10.70 4.07
CA ASN A 284 27.81 9.34 3.92
C ASN A 284 27.06 8.59 2.82
N PHE A 285 25.73 8.74 2.73
CA PHE A 285 25.00 7.97 1.74
C PHE A 285 25.32 8.44 0.33
N SER A 286 25.20 9.75 0.09
CA SER A 286 25.44 10.28 -1.25
C SER A 286 26.87 9.98 -1.70
N ASN A 287 27.83 10.04 -0.78
CA ASN A 287 29.21 9.69 -1.15
C ASN A 287 29.31 8.23 -1.55
N ARG A 288 28.67 7.34 -0.79
CA ARG A 288 28.71 5.92 -1.15
C ARG A 288 28.12 5.69 -2.54
N PHE A 289 26.99 6.32 -2.84
CA PHE A 289 26.32 6.13 -4.11
C PHE A 289 27.15 6.68 -5.26
N ILE A 290 27.65 7.89 -5.11
CA ILE A 290 28.39 8.53 -6.19
C ILE A 290 29.69 7.79 -6.46
N GLU A 291 30.38 7.36 -5.39
CA GLU A 291 31.62 6.62 -5.54
C GLU A 291 31.38 5.26 -6.16
N ASP A 292 30.29 4.58 -5.77
CA ASP A 292 29.99 3.32 -6.42
C ASP A 292 29.75 3.51 -7.91
N ASN A 293 29.02 4.55 -8.29
CA ASN A 293 28.81 4.77 -9.71
C ASN A 293 30.15 5.00 -10.43
N LYS A 294 31.05 5.77 -9.81
CA LYS A 294 32.34 6.00 -10.42
C LYS A 294 33.14 4.70 -10.55
N ASN A 295 32.87 3.74 -9.67
CA ASN A 295 33.49 2.41 -9.70
C ASN A 295 32.69 1.40 -10.53
N GLY A 296 31.82 1.87 -11.43
CA GLY A 296 31.07 0.95 -12.28
C GLY A 296 29.85 0.31 -11.67
N PHE A 297 29.36 0.84 -10.55
CA PHE A 297 28.17 0.33 -9.85
C PHE A 297 28.34 -1.12 -9.43
N LYS A 298 29.58 -1.50 -9.09
CA LYS A 298 29.82 -2.87 -8.61
C LYS A 298 28.96 -3.21 -7.41
N GLU A 299 28.83 -2.30 -6.43
CA GLU A 299 28.01 -2.63 -5.26
C GLU A 299 26.53 -2.65 -5.62
N PHE A 300 26.06 -1.61 -6.33
CA PHE A 300 24.66 -1.51 -6.75
C PHE A 300 24.22 -2.79 -7.46
N TYR A 301 24.98 -3.20 -8.48
CA TYR A 301 24.54 -4.32 -9.30
C TYR A 301 24.62 -5.63 -8.53
N LYS A 302 25.59 -5.76 -7.63
CA LYS A 302 25.67 -6.95 -6.79
C LYS A 302 24.51 -7.02 -5.83
N LEU A 303 24.18 -5.90 -5.19
CA LEU A 303 23.03 -5.87 -4.28
C LEU A 303 21.73 -6.18 -5.01
N ARG A 304 21.59 -5.68 -6.23
CA ARG A 304 20.42 -6.01 -7.03
C ARG A 304 20.34 -7.51 -7.26
N GLU A 305 21.46 -8.12 -7.66
CA GLU A 305 21.49 -9.56 -7.91
C GLU A 305 21.13 -10.32 -6.66
N GLU A 306 21.63 -9.86 -5.50
CA GLU A 306 21.40 -10.53 -4.24
C GLU A 306 19.91 -10.61 -3.87
N GLN A 307 19.08 -9.69 -4.39
CA GLN A 307 17.63 -9.69 -4.16
C GLN A 307 16.83 -10.27 -5.31
N HIS A 308 17.47 -10.56 -6.44
CA HIS A 308 16.78 -11.05 -7.61
C HIS A 308 16.27 -12.46 -7.37
N GLY A 309 15.06 -12.75 -7.85
CA GLY A 309 14.61 -14.14 -7.83
C GLY A 309 14.31 -14.75 -6.48
N HIS A 310 14.09 -13.92 -5.45
CA HIS A 310 13.47 -14.37 -4.21
C HIS A 310 12.19 -15.16 -4.51
N GLN A 311 11.90 -16.16 -3.67
CA GLN A 311 10.68 -16.95 -3.84
C GLN A 311 9.43 -16.07 -3.98
N ILE A 312 9.38 -14.96 -3.23
CA ILE A 312 8.19 -14.13 -3.25
C ILE A 312 7.93 -13.57 -4.64
N GLU A 313 9.00 -13.30 -5.41
CA GLU A 313 8.82 -12.78 -6.75
C GLU A 313 8.29 -13.85 -7.71
N LYS A 314 8.76 -15.09 -7.58
CA LYS A 314 8.28 -16.16 -8.47
C LYS A 314 6.82 -16.51 -8.17
N VAL A 315 6.50 -16.66 -6.89
CA VAL A 315 5.14 -16.96 -6.48
C VAL A 315 4.19 -15.85 -6.91
N GLY A 316 4.56 -14.59 -6.64
CA GLY A 316 3.66 -13.50 -6.98
C GLY A 316 3.40 -13.40 -8.47
N ARG A 317 4.44 -13.62 -9.27
CA ARG A 317 4.27 -13.53 -10.72
C ARG A 317 3.18 -14.49 -11.19
N GLU A 318 3.25 -15.76 -10.77
CA GLU A 318 2.27 -16.76 -11.18
C GLU A 318 0.86 -16.43 -10.71
N LEU A 319 0.71 -15.89 -9.50
CA LEU A 319 -0.62 -15.52 -9.03
C LEU A 319 -1.16 -14.29 -9.75
N ARG A 320 -0.32 -13.27 -9.95
CA ARG A 320 -0.80 -12.04 -10.59
C ARG A 320 -1.21 -12.30 -12.05
N GLU A 321 -0.51 -13.21 -12.73
CA GLU A 321 -0.84 -13.52 -14.13
C GLU A 321 -2.29 -13.96 -14.29
N MET A 322 -2.88 -14.56 -13.25
CA MET A 322 -4.21 -15.12 -13.36
C MET A 322 -5.28 -14.17 -12.85
N MET A 323 -4.92 -12.94 -12.49
CA MET A 323 -5.89 -11.96 -12.04
C MET A 323 -6.22 -11.04 -13.20
N PRO A 324 -7.37 -11.20 -13.85
CA PRO A 324 -7.66 -10.40 -15.05
C PRO A 324 -7.66 -8.91 -14.79
N PHE A 325 -7.97 -8.49 -13.57
CA PHE A 325 -7.99 -7.07 -13.24
C PHE A 325 -6.59 -6.49 -13.05
N ILE A 326 -5.56 -7.31 -13.12
CA ILE A 326 -4.18 -6.85 -13.05
C ILE A 326 -3.50 -7.05 -14.40
N THR B 1 0.74 -25.82 -5.95
CA THR B 1 -0.47 -25.43 -5.22
C THR B 1 -1.64 -25.21 -6.16
N THR B 2 -2.77 -25.87 -5.89
CA THR B 2 -3.96 -25.64 -6.68
C THR B 2 -4.57 -24.28 -6.30
N VAL B 3 -4.75 -23.39 -7.28
CA VAL B 3 -5.50 -22.16 -7.09
C VAL B 3 -6.74 -22.23 -7.97
N TYR B 4 -7.91 -21.95 -7.39
CA TYR B 4 -9.18 -22.03 -8.09
C TYR B 4 -9.62 -20.65 -8.57
N TYR B 5 -10.04 -20.58 -9.84
CA TYR B 5 -10.62 -19.39 -10.44
C TYR B 5 -12.05 -19.70 -10.87
N ASP B 6 -12.74 -18.70 -11.40
CA ASP B 6 -14.15 -18.84 -11.76
C ASP B 6 -14.38 -20.13 -12.56
N GLN B 7 -13.53 -20.39 -13.55
CA GLN B 7 -13.78 -21.51 -14.46
C GLN B 7 -13.49 -22.86 -13.81
N ASP B 8 -12.75 -22.89 -12.70
CA ASP B 8 -12.43 -24.15 -12.04
C ASP B 8 -13.51 -24.61 -11.08
N VAL B 9 -14.53 -23.79 -10.85
CA VAL B 9 -15.69 -24.16 -10.04
C VAL B 9 -16.83 -24.37 -11.01
N LYS B 10 -16.99 -25.61 -11.49
CA LYS B 10 -17.91 -25.89 -12.57
C LYS B 10 -19.26 -26.41 -12.09
N THR B 11 -19.35 -26.78 -10.81
CA THR B 11 -20.58 -27.26 -10.17
C THR B 11 -21.03 -26.19 -9.17
N ASP B 12 -22.27 -25.74 -9.30
CA ASP B 12 -22.83 -24.81 -8.31
C ASP B 12 -23.50 -25.61 -7.20
N ALA B 13 -22.76 -25.83 -6.11
CA ALA B 13 -23.28 -26.53 -4.94
C ALA B 13 -24.02 -25.62 -3.97
N LEU B 14 -24.04 -24.32 -4.23
CA LEU B 14 -24.80 -23.38 -3.41
C LEU B 14 -26.21 -23.17 -3.90
N GLN B 15 -26.48 -23.41 -5.19
CA GLN B 15 -27.80 -23.15 -5.72
C GLN B 15 -28.87 -23.89 -4.91
N GLY B 16 -29.99 -23.22 -4.65
CA GLY B 16 -31.09 -23.82 -3.93
C GLY B 16 -30.97 -23.80 -2.42
N LYS B 17 -29.87 -23.27 -1.88
CA LYS B 17 -29.66 -23.22 -0.44
C LYS B 17 -29.93 -21.81 0.06
N LYS B 18 -30.69 -21.71 1.15
CA LYS B 18 -30.91 -20.43 1.79
C LYS B 18 -29.73 -20.13 2.71
N ILE B 19 -29.15 -18.94 2.55
CA ILE B 19 -27.95 -18.53 3.27
C ILE B 19 -28.35 -17.50 4.31
N ALA B 20 -27.99 -17.77 5.57
CA ALA B 20 -28.10 -16.76 6.62
C ALA B 20 -26.71 -16.20 6.86
N VAL B 21 -26.58 -14.89 6.72
CA VAL B 21 -25.40 -14.15 7.14
C VAL B 21 -25.72 -13.62 8.53
N VAL B 22 -25.01 -14.14 9.53
CA VAL B 22 -25.20 -13.75 10.93
C VAL B 22 -24.19 -12.65 11.22
N GLY B 23 -24.69 -11.45 11.49
CA GLY B 23 -23.86 -10.26 11.61
C GLY B 23 -23.92 -9.44 10.35
N TYR B 24 -23.78 -8.13 10.51
CA TYR B 24 -23.86 -7.19 9.38
C TYR B 24 -22.78 -6.11 9.55
N GLY B 25 -21.58 -6.57 9.86
CA GLY B 25 -20.43 -5.70 10.04
C GLY B 25 -19.58 -5.62 8.80
N SER B 26 -18.26 -5.51 9.00
N SER B 26 -18.26 -5.50 9.01
CA SER B 26 -17.34 -5.29 7.88
CA SER B 26 -17.32 -5.30 7.91
C SER B 26 -17.39 -6.43 6.88
C SER B 26 -17.42 -6.44 6.89
N GLN B 27 -17.26 -7.68 7.33
CA GLN B 27 -17.39 -8.81 6.42
C GLN B 27 -18.85 -9.16 6.14
N GLY B 28 -19.71 -9.00 7.14
CA GLY B 28 -21.11 -9.42 6.98
C GLY B 28 -21.80 -8.70 5.84
N HIS B 29 -21.72 -7.36 5.81
CA HIS B 29 -22.44 -6.67 4.75
C HIS B 29 -21.87 -7.04 3.38
N ALA B 30 -20.57 -7.34 3.32
CA ALA B 30 -19.94 -7.58 2.02
C ALA B 30 -20.28 -8.96 1.51
N HIS B 31 -20.26 -9.97 2.39
CA HIS B 31 -20.62 -11.31 1.95
C HIS B 31 -22.07 -11.31 1.47
N ALA B 32 -22.95 -10.69 2.25
CA ALA B 32 -24.38 -10.73 1.95
C ALA B 32 -24.69 -10.02 0.63
N GLN B 33 -24.09 -8.85 0.43
CA GLN B 33 -24.37 -8.06 -0.76
C GLN B 33 -23.77 -8.72 -2.02
N ASN B 34 -22.55 -9.26 -1.91
CA ASN B 34 -21.97 -9.96 -3.06
C ASN B 34 -22.80 -11.17 -3.42
N LEU B 35 -23.22 -11.97 -2.42
CA LEU B 35 -24.01 -13.17 -2.68
C LEU B 35 -25.34 -12.81 -3.32
N LYS B 36 -25.99 -11.77 -2.82
CA LYS B 36 -27.29 -11.39 -3.35
C LYS B 36 -27.17 -10.86 -4.77
N ASP B 37 -26.15 -10.03 -5.04
CA ASP B 37 -25.89 -9.59 -6.41
C ASP B 37 -25.67 -10.75 -7.36
N ASN B 38 -25.11 -11.85 -6.87
CA ASN B 38 -24.94 -13.05 -7.67
C ASN B 38 -26.15 -13.97 -7.63
N GLY B 39 -27.30 -13.51 -7.13
CA GLY B 39 -28.55 -14.23 -7.31
C GLY B 39 -28.87 -15.29 -6.28
N TYR B 40 -28.10 -15.38 -5.20
CA TYR B 40 -28.39 -16.34 -4.15
C TYR B 40 -29.42 -15.78 -3.18
N ASP B 41 -29.99 -16.66 -2.37
CA ASP B 41 -31.09 -16.33 -1.47
C ASP B 41 -30.48 -16.07 -0.10
N VAL B 42 -30.37 -14.80 0.28
CA VAL B 42 -29.67 -14.40 1.49
C VAL B 42 -30.65 -13.76 2.46
N VAL B 43 -30.60 -14.17 3.72
CA VAL B 43 -31.23 -13.42 4.79
C VAL B 43 -30.18 -13.04 5.83
N ILE B 44 -30.48 -11.99 6.60
CA ILE B 44 -29.58 -11.52 7.65
C ILE B 44 -30.14 -11.90 9.01
N GLY B 45 -29.30 -12.50 9.86
CA GLY B 45 -29.65 -12.76 11.24
C GLY B 45 -28.90 -11.76 12.11
N ILE B 46 -29.62 -10.93 12.86
CA ILE B 46 -28.97 -9.86 13.61
C ILE B 46 -29.93 -9.39 14.70
N ARG B 47 -29.37 -8.96 15.83
CA ARG B 47 -30.13 -8.38 16.91
C ARG B 47 -30.70 -7.01 16.50
N PRO B 48 -31.72 -6.52 17.20
CA PRO B 48 -32.20 -5.16 16.94
C PRO B 48 -31.12 -4.12 17.17
N GLY B 49 -31.19 -3.03 16.41
CA GLY B 49 -30.24 -1.94 16.58
C GLY B 49 -29.78 -1.39 15.25
N ARG B 50 -28.59 -0.77 15.27
CA ARG B 50 -28.08 -0.09 14.09
C ARG B 50 -27.91 -1.03 12.90
N SER B 51 -27.35 -2.23 13.12
CA SER B 51 -27.13 -3.16 12.02
C SER B 51 -28.45 -3.70 11.46
N PHE B 52 -29.42 -4.01 12.33
CA PHE B 52 -30.73 -4.42 11.86
C PHE B 52 -31.29 -3.35 10.94
N ASP B 53 -31.25 -2.09 11.38
CA ASP B 53 -31.84 -0.99 10.61
C ASP B 53 -31.11 -0.82 9.28
N LYS B 54 -29.77 -0.94 9.28
CA LYS B 54 -29.02 -0.76 8.04
C LYS B 54 -29.26 -1.90 7.06
N ALA B 55 -29.32 -3.14 7.56
CA ALA B 55 -29.59 -4.27 6.69
C ALA B 55 -30.97 -4.12 6.05
N LYS B 56 -31.94 -3.59 6.81
CA LYS B 56 -33.27 -3.35 6.25
C LYS B 56 -33.22 -2.25 5.19
N GLU B 57 -32.59 -1.11 5.52
CA GLU B 57 -32.41 -0.04 4.54
C GLU B 57 -31.77 -0.58 3.27
N ASP B 58 -30.81 -1.49 3.39
CA ASP B 58 -30.11 -2.07 2.25
C ASP B 58 -30.94 -3.10 1.50
N GLY B 59 -32.16 -3.38 1.93
CA GLY B 59 -33.05 -4.22 1.16
C GLY B 59 -33.03 -5.69 1.47
N PHE B 60 -32.46 -6.08 2.60
CA PHE B 60 -32.46 -7.50 2.95
C PHE B 60 -33.71 -7.83 3.73
N ASP B 61 -34.03 -9.13 3.77
CA ASP B 61 -34.93 -9.67 4.78
C ASP B 61 -34.11 -9.97 6.03
N VAL B 62 -34.53 -9.42 7.16
CA VAL B 62 -33.73 -9.39 8.36
C VAL B 62 -34.53 -10.02 9.49
N PHE B 63 -33.89 -10.89 10.26
CA PHE B 63 -34.53 -11.65 11.32
C PHE B 63 -33.61 -11.74 12.53
N PRO B 64 -34.15 -12.06 13.71
CA PRO B 64 -33.30 -12.52 14.81
C PRO B 64 -32.43 -13.69 14.36
N VAL B 65 -31.27 -13.85 15.01
CA VAL B 65 -30.33 -14.88 14.61
C VAL B 65 -31.00 -16.25 14.66
N ALA B 66 -31.75 -16.53 15.72
CA ALA B 66 -32.38 -17.84 15.85
C ALA B 66 -33.28 -18.15 14.66
N GLU B 67 -34.10 -17.18 14.25
CA GLU B 67 -35.03 -17.41 13.15
C GLU B 67 -34.30 -17.55 11.83
N ALA B 68 -33.28 -16.71 11.61
CA ALA B 68 -32.50 -16.83 10.40
C ALA B 68 -31.86 -18.21 10.29
N VAL B 69 -31.31 -18.73 11.40
CA VAL B 69 -30.70 -20.06 11.38
C VAL B 69 -31.74 -21.12 11.07
N LYS B 70 -32.93 -21.04 11.68
CA LYS B 70 -34.00 -21.98 11.38
C LYS B 70 -34.26 -22.04 9.87
N GLN B 71 -34.35 -20.86 9.23
CA GLN B 71 -34.68 -20.82 7.81
C GLN B 71 -33.55 -21.36 6.94
N ALA B 72 -32.31 -21.24 7.39
CA ALA B 72 -31.19 -21.33 6.48
C ALA B 72 -30.67 -22.75 6.35
N ASP B 73 -30.02 -23.00 5.22
CA ASP B 73 -29.23 -24.20 5.01
C ASP B 73 -27.76 -23.96 5.26
N VAL B 74 -27.30 -22.74 5.01
CA VAL B 74 -25.91 -22.32 5.18
C VAL B 74 -25.93 -21.15 6.14
N ILE B 75 -25.22 -21.29 7.26
CA ILE B 75 -25.21 -20.29 8.33
C ILE B 75 -23.78 -19.77 8.40
N MET B 76 -23.53 -18.56 7.87
CA MET B 76 -22.21 -17.93 7.85
C MET B 76 -22.11 -16.95 9.01
N VAL B 77 -21.19 -17.23 9.94
CA VAL B 77 -21.10 -16.52 11.21
C VAL B 77 -20.07 -15.41 11.06
N LEU B 78 -20.56 -14.16 10.97
CA LEU B 78 -19.75 -12.97 10.75
C LEU B 78 -19.99 -11.94 11.84
N LEU B 79 -20.06 -12.39 13.10
CA LEU B 79 -19.97 -11.57 14.31
C LEU B 79 -18.51 -11.45 14.72
N PRO B 80 -18.17 -10.47 15.55
CA PRO B 80 -16.81 -10.46 16.12
C PRO B 80 -16.45 -11.80 16.75
N ASP B 81 -15.17 -12.19 16.63
CA ASP B 81 -14.80 -13.54 17.09
C ASP B 81 -15.15 -13.77 18.56
N GLU B 82 -15.01 -12.75 19.38
CA GLU B 82 -15.24 -12.90 20.81
C GLU B 82 -16.73 -12.96 21.16
N ILE B 83 -17.59 -12.58 20.22
CA ILE B 83 -19.06 -12.57 20.39
C ILE B 83 -19.68 -13.88 19.94
N GLN B 84 -19.01 -14.61 19.03
CA GLN B 84 -19.64 -15.75 18.37
C GLN B 84 -20.04 -16.84 19.35
N GLY B 85 -19.24 -17.10 20.39
CA GLY B 85 -19.50 -18.25 21.26
C GLY B 85 -20.85 -18.19 21.95
N ASP B 86 -21.18 -17.06 22.58
CA ASP B 86 -22.45 -16.94 23.29
C ASP B 86 -23.64 -16.95 22.33
N VAL B 87 -23.49 -16.27 21.19
CA VAL B 87 -24.55 -16.30 20.20
C VAL B 87 -24.71 -17.70 19.65
N TYR B 88 -23.59 -18.40 19.44
CA TYR B 88 -23.66 -19.79 18.97
C TYR B 88 -24.41 -20.65 19.98
N LYS B 89 -24.05 -20.55 21.26
CA LYS B 89 -24.65 -21.41 22.29
C LYS B 89 -26.15 -21.15 22.43
N ASN B 90 -26.56 -19.90 22.33
CA ASN B 90 -27.92 -19.50 22.70
C ASN B 90 -28.86 -19.39 21.51
N GLU B 91 -28.33 -19.01 20.33
N GLU B 91 -28.36 -19.00 20.34
CA GLU B 91 -29.17 -18.71 19.19
CA GLU B 91 -29.22 -18.78 19.19
C GLU B 91 -28.93 -19.61 17.98
C GLU B 91 -28.95 -19.69 18.00
N ILE B 92 -27.72 -20.15 17.80
CA ILE B 92 -27.41 -20.94 16.62
C ILE B 92 -27.56 -22.43 16.89
N GLU B 93 -26.78 -22.95 17.83
CA GLU B 93 -26.75 -24.40 18.05
C GLU B 93 -28.12 -25.00 18.32
N PRO B 94 -29.02 -24.37 19.11
CA PRO B 94 -30.34 -24.98 19.34
C PRO B 94 -31.17 -25.06 18.08
N ASN B 95 -30.81 -24.31 17.04
CA ASN B 95 -31.61 -24.24 15.84
C ASN B 95 -30.95 -24.88 14.62
N LEU B 96 -29.78 -25.50 14.78
CA LEU B 96 -29.17 -26.25 13.71
C LEU B 96 -29.93 -27.55 13.46
N GLU B 97 -29.79 -28.05 12.24
CA GLU B 97 -30.40 -29.30 11.78
C GLU B 97 -29.37 -30.10 11.02
N LYS B 98 -29.61 -31.41 10.95
CA LYS B 98 -28.71 -32.31 10.25
C LYS B 98 -28.43 -31.83 8.83
N HIS B 99 -27.14 -31.76 8.50
CA HIS B 99 -26.62 -31.41 7.17
C HIS B 99 -26.86 -29.96 6.78
N ASN B 100 -27.24 -29.10 7.73
CA ASN B 100 -26.95 -27.69 7.57
C ASN B 100 -25.44 -27.53 7.44
N ALA B 101 -24.99 -26.37 6.95
CA ALA B 101 -23.57 -26.08 6.93
C ALA B 101 -23.34 -24.85 7.80
N LEU B 102 -22.37 -24.96 8.70
CA LEU B 102 -21.96 -23.86 9.55
C LEU B 102 -20.64 -23.34 9.01
N ALA B 103 -20.56 -22.03 8.78
CA ALA B 103 -19.40 -21.45 8.10
C ALA B 103 -18.87 -20.25 8.86
N PHE B 104 -17.60 -19.93 8.59
CA PHE B 104 -16.86 -18.86 9.24
C PHE B 104 -15.99 -18.19 8.18
N ALA B 105 -15.53 -16.99 8.51
CA ALA B 105 -14.55 -16.29 7.69
C ALA B 105 -13.19 -16.21 8.37
N HIS B 106 -13.03 -16.90 9.51
CA HIS B 106 -11.78 -16.94 10.27
C HIS B 106 -11.86 -18.22 11.11
N GLY B 107 -10.79 -18.99 11.12
CA GLY B 107 -10.82 -20.29 11.79
C GLY B 107 -10.71 -20.25 13.31
N PHE B 108 -10.52 -19.06 13.90
CA PHE B 108 -10.16 -18.92 15.31
C PHE B 108 -11.05 -19.76 16.23
N ASN B 109 -12.37 -19.55 16.19
CA ASN B 109 -13.19 -20.16 17.23
C ASN B 109 -13.30 -21.67 17.08
N ILE B 110 -13.25 -22.20 15.86
CA ILE B 110 -13.23 -23.65 15.69
C ILE B 110 -11.87 -24.20 16.08
N HIS B 111 -10.80 -23.60 15.56
CA HIS B 111 -9.46 -24.12 15.78
C HIS B 111 -9.10 -24.12 17.26
N PHE B 112 -9.47 -23.07 17.99
CA PHE B 112 -9.12 -22.98 19.39
C PHE B 112 -10.20 -23.55 20.32
N GLY B 113 -11.23 -24.15 19.76
CA GLY B 113 -12.14 -24.95 20.57
C GLY B 113 -13.22 -24.17 21.27
N VAL B 114 -13.39 -22.89 20.91
CA VAL B 114 -14.44 -22.07 21.50
C VAL B 114 -15.81 -22.58 21.07
N ILE B 115 -15.93 -22.96 19.81
CA ILE B 115 -17.18 -23.49 19.28
C ILE B 115 -16.93 -24.93 18.87
N GLN B 116 -17.79 -25.84 19.35
CA GLN B 116 -17.67 -27.26 19.06
C GLN B 116 -18.96 -27.76 18.41
N PRO B 117 -19.02 -27.77 17.08
CA PRO B 117 -20.27 -28.06 16.36
C PRO B 117 -20.66 -29.52 16.52
N PRO B 118 -21.93 -29.84 16.27
CA PRO B 118 -22.33 -31.25 16.29
C PRO B 118 -21.76 -31.96 15.08
N ALA B 119 -21.63 -33.28 15.21
CA ALA B 119 -20.99 -34.08 14.16
C ALA B 119 -21.78 -34.10 12.86
N ASP B 120 -23.08 -33.80 12.89
CA ASP B 120 -23.91 -34.01 11.71
C ASP B 120 -24.13 -32.73 10.90
N VAL B 121 -23.31 -31.69 11.10
CA VAL B 121 -23.37 -30.52 10.22
C VAL B 121 -22.04 -30.39 9.49
N ASP B 122 -22.08 -29.81 8.30
CA ASP B 122 -20.85 -29.42 7.63
C ASP B 122 -20.27 -28.20 8.33
N VAL B 123 -18.95 -28.11 8.36
CA VAL B 123 -18.27 -26.93 8.90
C VAL B 123 -17.20 -26.50 7.91
N PHE B 124 -17.29 -25.26 7.44
CA PHE B 124 -16.27 -24.77 6.52
C PHE B 124 -15.93 -23.31 6.79
N LEU B 125 -14.83 -22.85 6.20
CA LEU B 125 -14.52 -21.43 6.22
C LEU B 125 -14.29 -20.95 4.79
N VAL B 126 -14.66 -19.70 4.55
CA VAL B 126 -14.24 -18.95 3.36
C VAL B 126 -13.74 -17.62 3.93
N ALA B 127 -12.43 -17.44 3.93
CA ALA B 127 -11.75 -16.32 4.58
C ALA B 127 -11.18 -15.37 3.54
N PRO B 128 -11.80 -14.21 3.29
CA PRO B 128 -11.16 -13.25 2.40
C PRO B 128 -9.89 -12.69 3.03
N LYS B 129 -8.84 -12.63 2.21
CA LYS B 129 -7.59 -11.99 2.62
C LYS B 129 -7.66 -10.49 2.31
N GLY B 130 -8.57 -9.84 3.01
CA GLY B 130 -8.69 -8.40 2.93
C GLY B 130 -9.85 -7.89 3.73
N PRO B 131 -9.91 -6.57 3.91
CA PRO B 131 -10.96 -5.98 4.74
C PRO B 131 -12.33 -6.03 4.05
N GLY B 132 -13.37 -6.25 4.85
CA GLY B 132 -14.71 -6.44 4.31
C GLY B 132 -15.19 -5.31 3.41
N HIS B 133 -14.94 -4.06 3.79
CA HIS B 133 -15.39 -2.96 2.93
C HIS B 133 -14.77 -3.04 1.55
N LEU B 134 -13.58 -3.62 1.44
CA LEU B 134 -12.98 -3.80 0.13
C LEU B 134 -13.32 -5.13 -0.50
N VAL B 135 -13.68 -6.17 0.28
CA VAL B 135 -14.33 -7.33 -0.32
C VAL B 135 -15.53 -6.87 -1.14
N ARG B 136 -16.29 -5.90 -0.63
CA ARG B 136 -17.45 -5.39 -1.36
C ARG B 136 -17.03 -4.50 -2.51
N ARG B 137 -16.14 -3.54 -2.25
CA ARG B 137 -15.84 -2.54 -3.29
C ARG B 137 -15.16 -3.20 -4.49
N THR B 138 -14.19 -4.09 -4.26
CA THR B 138 -13.55 -4.76 -5.39
C THR B 138 -14.58 -5.50 -6.25
N PHE B 139 -15.52 -6.20 -5.59
CA PHE B 139 -16.55 -6.93 -6.32
C PHE B 139 -17.39 -6.01 -7.19
N VAL B 140 -17.81 -4.87 -6.65
CA VAL B 140 -18.60 -3.91 -7.41
C VAL B 140 -17.81 -3.40 -8.60
N GLU B 141 -16.50 -3.24 -8.43
CA GLU B 141 -15.63 -2.72 -9.48
C GLU B 141 -15.20 -3.79 -10.49
N GLY B 142 -15.59 -5.04 -10.29
CA GLY B 142 -15.28 -6.09 -11.23
C GLY B 142 -14.07 -6.93 -10.87
N SER B 143 -13.38 -6.63 -9.78
CA SER B 143 -12.28 -7.46 -9.31
C SER B 143 -12.75 -8.22 -8.08
N ALA B 144 -11.83 -8.53 -7.17
CA ALA B 144 -12.18 -9.32 -6.00
C ALA B 144 -11.00 -9.36 -5.07
N VAL B 145 -11.28 -9.79 -3.84
CA VAL B 145 -10.27 -10.08 -2.81
C VAL B 145 -10.02 -11.59 -2.79
N PRO B 146 -8.77 -12.03 -2.89
CA PRO B 146 -8.47 -13.47 -2.85
C PRO B 146 -8.93 -14.05 -1.53
N SER B 147 -9.28 -15.33 -1.54
CA SER B 147 -9.81 -15.95 -0.33
C SER B 147 -9.25 -17.35 -0.16
N LEU B 148 -9.26 -17.82 1.10
CA LEU B 148 -8.98 -19.20 1.42
C LEU B 148 -10.28 -19.91 1.78
N PHE B 149 -10.34 -21.20 1.48
CA PHE B 149 -11.45 -22.03 1.96
C PHE B 149 -10.89 -23.26 2.65
N GLY B 150 -11.65 -23.79 3.62
CA GLY B 150 -11.19 -24.96 4.31
C GLY B 150 -12.39 -25.70 4.85
N ILE B 151 -12.26 -27.02 4.97
CA ILE B 151 -13.33 -27.88 5.44
C ILE B 151 -12.88 -28.54 6.74
N GLN B 152 -13.63 -28.30 7.81
CA GLN B 152 -13.38 -28.96 9.08
C GLN B 152 -14.20 -30.25 9.24
N GLN B 153 -15.46 -30.23 8.81
CA GLN B 153 -16.35 -31.40 8.89
C GLN B 153 -17.11 -31.49 7.58
N ASP B 154 -17.24 -32.72 7.06
CA ASP B 154 -18.02 -32.97 5.85
C ASP B 154 -19.07 -34.03 6.18
N ALA B 155 -20.20 -33.59 6.73
CA ALA B 155 -21.26 -34.54 7.09
C ALA B 155 -22.13 -34.89 5.89
N SER B 156 -22.40 -33.92 5.02
CA SER B 156 -23.27 -34.14 3.89
C SER B 156 -22.58 -34.87 2.74
N GLY B 157 -21.24 -34.91 2.74
CA GLY B 157 -20.51 -35.36 1.59
C GLY B 157 -20.29 -34.32 0.51
N GLN B 158 -20.80 -33.10 0.66
CA GLN B 158 -20.55 -32.08 -0.34
C GLN B 158 -20.05 -30.77 0.25
N ALA B 159 -19.46 -30.82 1.45
CA ALA B 159 -18.98 -29.60 2.11
C ALA B 159 -17.94 -28.90 1.24
N ARG B 160 -17.00 -29.64 0.66
CA ARG B 160 -15.98 -29.02 -0.16
C ARG B 160 -16.60 -28.25 -1.32
N ASN B 161 -17.60 -28.83 -1.99
CA ASN B 161 -18.18 -28.13 -3.12
C ASN B 161 -19.03 -26.94 -2.69
N ILE B 162 -19.69 -27.04 -1.53
CA ILE B 162 -20.43 -25.87 -1.06
C ILE B 162 -19.47 -24.72 -0.79
N ALA B 163 -18.32 -25.04 -0.19
CA ALA B 163 -17.36 -24.01 0.20
C ALA B 163 -16.80 -23.32 -1.04
N LEU B 164 -16.46 -24.09 -2.07
CA LEU B 164 -15.96 -23.49 -3.31
C LEU B 164 -17.02 -22.65 -3.99
N SER B 165 -18.28 -23.12 -4.03
CA SER B 165 -19.33 -22.30 -4.60
C SER B 165 -19.59 -21.06 -3.76
N TYR B 166 -19.48 -21.17 -2.44
CA TYR B 166 -19.57 -19.97 -1.62
C TYR B 166 -18.47 -18.98 -1.96
N ALA B 167 -17.24 -19.47 -2.07
CA ALA B 167 -16.13 -18.58 -2.43
C ALA B 167 -16.38 -17.92 -3.78
N LYS B 168 -16.85 -18.69 -4.77
CA LYS B 168 -17.16 -18.08 -6.07
C LYS B 168 -18.31 -17.09 -5.96
N GLY B 169 -19.28 -17.34 -5.07
CA GLY B 169 -20.44 -16.49 -4.96
C GLY B 169 -20.16 -15.13 -4.34
N ILE B 170 -19.13 -15.03 -3.49
CA ILE B 170 -18.73 -13.72 -3.00
C ILE B 170 -17.72 -13.05 -3.91
N GLY B 171 -17.37 -13.66 -5.05
CA GLY B 171 -16.49 -13.04 -6.02
C GLY B 171 -15.04 -13.48 -5.97
N ALA B 172 -14.65 -14.28 -4.97
CA ALA B 172 -13.24 -14.47 -4.65
C ALA B 172 -12.49 -15.21 -5.74
N THR B 173 -13.16 -16.08 -6.50
CA THR B 173 -12.48 -16.82 -7.55
C THR B 173 -12.03 -15.92 -8.70
N ARG B 174 -12.46 -14.66 -8.75
CA ARG B 174 -11.90 -13.74 -9.76
C ARG B 174 -10.43 -13.49 -9.50
N ALA B 175 -10.03 -13.45 -8.23
CA ALA B 175 -8.67 -13.18 -7.81
C ALA B 175 -7.87 -14.43 -7.48
N GLY B 176 -8.54 -15.52 -7.08
CA GLY B 176 -7.87 -16.76 -6.75
C GLY B 176 -8.29 -17.26 -5.38
N VAL B 177 -8.58 -18.56 -5.27
CA VAL B 177 -9.00 -19.21 -4.02
C VAL B 177 -8.10 -20.41 -3.77
N ILE B 178 -7.56 -20.53 -2.54
CA ILE B 178 -6.67 -21.62 -2.18
C ILE B 178 -7.28 -22.39 -1.01
N GLU B 179 -7.14 -23.72 -1.03
CA GLU B 179 -7.61 -24.53 0.08
C GLU B 179 -6.61 -24.49 1.23
N THR B 180 -7.01 -24.59 2.42
CA THR B 180 -6.24 -24.49 3.66
C THR B 180 -6.96 -25.30 4.73
N THR B 181 -6.45 -25.31 5.92
CA THR B 181 -7.09 -25.93 7.08
C THR B 181 -7.51 -24.81 8.03
N PHE B 182 -8.35 -25.18 9.01
CA PHE B 182 -8.70 -24.20 10.04
C PHE B 182 -7.46 -23.78 10.83
N LYS B 183 -6.53 -24.69 11.09
CA LYS B 183 -5.28 -24.34 11.78
C LYS B 183 -4.45 -23.35 10.95
N GLU B 184 -4.21 -23.68 9.69
CA GLU B 184 -3.33 -22.83 8.89
C GLU B 184 -3.94 -21.45 8.68
N GLU B 185 -5.24 -21.39 8.35
CA GLU B 185 -5.88 -20.08 8.20
C GLU B 185 -5.75 -19.24 9.47
N THR B 186 -6.06 -19.85 10.61
CA THR B 186 -6.02 -19.10 11.87
C THR B 186 -4.63 -18.57 12.15
N GLU B 187 -3.62 -19.43 12.03
CA GLU B 187 -2.29 -19.02 12.43
C GLU B 187 -1.72 -17.98 11.47
N THR B 188 -1.89 -18.17 10.16
CA THR B 188 -1.30 -17.21 9.22
C THR B 188 -2.05 -15.90 9.22
N ASP B 189 -3.36 -15.95 9.42
CA ASP B 189 -4.16 -14.73 9.46
C ASP B 189 -3.80 -13.88 10.68
N LEU B 190 -3.76 -14.50 11.87
CA LEU B 190 -3.31 -13.78 13.05
C LEU B 190 -1.91 -13.22 12.86
N PHE B 191 -1.00 -14.00 12.27
CA PHE B 191 0.34 -13.50 12.06
C PHE B 191 0.37 -12.30 11.11
N GLY B 192 -0.37 -12.38 10.00
CA GLY B 192 -0.28 -11.30 9.01
C GLY B 192 -0.78 -9.98 9.56
N GLU B 193 -1.95 -9.99 10.21
CA GLU B 193 -2.47 -8.74 10.74
C GLU B 193 -1.57 -8.21 11.86
N GLN B 194 -1.00 -9.11 12.67
CA GLN B 194 -0.17 -8.65 13.79
C GLN B 194 1.21 -8.14 13.33
N ALA B 195 1.92 -8.93 12.53
CA ALA B 195 3.31 -8.62 12.26
C ALA B 195 3.51 -7.73 11.05
N VAL B 196 2.56 -7.68 10.12
CA VAL B 196 2.80 -7.02 8.85
C VAL B 196 1.71 -6.00 8.51
N LEU B 197 0.44 -6.44 8.41
CA LEU B 197 -0.59 -5.59 7.80
C LEU B 197 -1.10 -4.49 8.72
N CYS B 198 -1.23 -4.76 10.01
CA CYS B 198 -1.73 -3.77 10.95
C CYS B 198 -0.65 -3.37 11.93
N GLY B 199 -0.17 -4.31 12.75
CA GLY B 199 0.85 -3.96 13.73
C GLY B 199 2.12 -3.46 13.08
N GLY B 200 2.65 -4.22 12.13
CA GLY B 200 3.93 -3.87 11.52
C GLY B 200 3.97 -2.60 10.70
N VAL B 201 3.15 -2.53 9.65
CA VAL B 201 3.30 -1.38 8.76
C VAL B 201 2.86 -0.08 9.43
N SER B 202 1.86 -0.13 10.31
N SER B 202 1.86 -0.13 10.31
CA SER B 202 1.43 1.09 10.99
CA SER B 202 1.44 1.10 10.98
C SER B 202 2.56 1.66 11.83
C SER B 202 2.56 1.66 11.83
N LYS B 203 3.29 0.79 12.54
CA LYS B 203 4.39 1.26 13.36
C LYS B 203 5.59 1.66 12.52
N LEU B 204 5.81 0.99 11.38
CA LEU B 204 6.86 1.44 10.47
C LEU B 204 6.63 2.88 10.01
N ILE B 205 5.42 3.15 9.52
CA ILE B 205 5.05 4.47 9.03
C ILE B 205 5.14 5.49 10.16
N GLN B 206 4.61 5.14 11.33
N GLN B 206 4.62 5.13 11.33
CA GLN B 206 4.67 6.05 12.47
CA GLN B 206 4.66 6.02 12.49
C GLN B 206 6.11 6.38 12.85
C GLN B 206 6.10 6.36 12.86
N SER B 207 6.98 5.35 12.90
CA SER B 207 8.37 5.61 13.27
C SER B 207 9.06 6.46 12.22
N GLY B 208 8.72 6.29 10.93
CA GLY B 208 9.33 7.14 9.94
C GLY B 208 8.84 8.58 10.02
N PHE B 209 7.54 8.75 10.26
CA PHE B 209 6.98 10.09 10.40
C PHE B 209 7.60 10.81 11.59
N GLU B 210 7.65 10.13 12.74
CA GLU B 210 8.29 10.70 13.94
C GLU B 210 9.75 11.04 13.68
N THR B 211 10.47 10.18 12.96
CA THR B 211 11.87 10.49 12.70
C THR B 211 11.99 11.80 11.91
N LEU B 212 11.13 11.98 10.90
CA LEU B 212 11.22 13.20 10.10
C LEU B 212 10.83 14.44 10.90
N VAL B 213 9.72 14.39 11.64
N VAL B 213 9.71 14.36 11.62
CA VAL B 213 9.30 15.61 12.31
CA VAL B 213 9.24 15.55 12.35
C VAL B 213 10.21 15.93 13.49
C VAL B 213 10.23 15.91 13.46
N GLU B 214 10.76 14.89 14.15
CA GLU B 214 11.71 15.15 15.24
C GLU B 214 12.98 15.78 14.72
N ALA B 215 13.32 15.53 13.46
CA ALA B 215 14.45 16.17 12.81
C ALA B 215 14.13 17.57 12.29
N GLY B 216 12.92 18.09 12.52
CA GLY B 216 12.61 19.44 12.14
C GLY B 216 12.02 19.64 10.77
N TYR B 217 11.73 18.58 10.03
CA TYR B 217 11.16 18.76 8.71
C TYR B 217 9.65 19.00 8.82
N GLN B 218 9.09 19.60 7.76
CA GLN B 218 7.68 19.99 7.80
C GLN B 218 6.78 18.76 7.95
N PRO B 219 5.78 18.79 8.84
CA PRO B 219 4.95 17.58 9.07
C PRO B 219 4.12 17.20 7.85
N GLU B 220 3.60 18.18 7.11
CA GLU B 220 2.80 17.83 5.93
C GLU B 220 3.64 17.11 4.90
N LEU B 221 4.88 17.58 4.71
CA LEU B 221 5.81 16.87 3.85
C LEU B 221 6.03 15.45 4.33
N ALA B 222 6.27 15.28 5.63
CA ALA B 222 6.47 13.94 6.18
C ALA B 222 5.27 13.04 5.91
N TYR B 223 4.05 13.58 6.04
CA TYR B 223 2.87 12.77 5.73
C TYR B 223 2.87 12.32 4.27
N PHE B 224 3.16 13.23 3.34
CA PHE B 224 3.17 12.83 1.93
C PHE B 224 4.24 11.78 1.67
N GLU B 225 5.37 11.87 2.37
CA GLU B 225 6.51 10.99 2.10
C GLU B 225 6.29 9.59 2.66
N VAL B 226 5.84 9.47 3.92
CA VAL B 226 5.82 8.14 4.53
C VAL B 226 4.44 7.46 4.52
N LEU B 227 3.37 8.21 4.29
CA LEU B 227 2.03 7.62 4.36
C LEU B 227 1.33 7.71 3.02
N HIS B 228 1.11 8.92 2.49
CA HIS B 228 0.39 9.04 1.23
C HIS B 228 1.10 8.26 0.13
N GLU B 229 2.43 8.40 0.05
CA GLU B 229 3.18 7.74 -1.02
C GLU B 229 3.23 6.23 -0.83
N MET B 230 3.00 5.73 0.37
CA MET B 230 3.00 4.28 0.54
C MET B 230 1.92 3.64 -0.32
N LYS B 231 0.77 4.28 -0.48
CA LYS B 231 -0.28 3.73 -1.32
C LYS B 231 0.18 3.61 -2.76
N LEU B 232 0.99 4.56 -3.21
CA LEU B 232 1.42 4.54 -4.60
C LEU B 232 2.45 3.44 -4.83
N ILE B 233 3.46 3.33 -3.95
CA ILE B 233 4.46 2.29 -4.19
C ILE B 233 3.84 0.91 -3.99
N VAL B 234 2.92 0.77 -3.02
CA VAL B 234 2.33 -0.54 -2.80
C VAL B 234 1.41 -0.90 -3.96
N ASP B 235 0.75 0.08 -4.57
CA ASP B 235 0.01 -0.20 -5.79
C ASP B 235 0.91 -0.85 -6.84
N LEU B 236 2.11 -0.31 -7.04
CA LEU B 236 2.99 -0.93 -8.02
C LEU B 236 3.42 -2.33 -7.61
N MET B 237 3.62 -2.56 -6.31
CA MET B 237 3.98 -3.89 -5.83
C MET B 237 2.86 -4.89 -6.06
N TYR B 238 1.63 -4.47 -5.78
CA TYR B 238 0.44 -5.27 -6.00
C TYR B 238 0.26 -5.60 -7.47
N GLU B 239 0.66 -4.70 -8.35
CA GLU B 239 0.47 -4.92 -9.77
C GLU B 239 1.59 -5.71 -10.42
N GLY B 240 2.81 -5.65 -9.87
CA GLY B 240 3.94 -6.28 -10.55
C GLY B 240 5.09 -6.73 -9.69
N GLY B 241 4.88 -6.83 -8.38
CA GLY B 241 5.91 -7.28 -7.46
C GLY B 241 6.94 -6.20 -7.17
N MET B 242 7.91 -6.55 -6.31
CA MET B 242 9.00 -5.61 -6.06
C MET B 242 9.83 -5.36 -7.30
N GLU B 243 9.81 -6.27 -8.27
CA GLU B 243 10.50 -6.01 -9.53
C GLU B 243 9.90 -4.81 -10.26
N ASN B 244 8.57 -4.70 -10.24
CA ASN B 244 7.88 -3.54 -10.80
C ASN B 244 8.28 -2.28 -10.05
N VAL B 245 8.33 -2.35 -8.73
CA VAL B 245 8.73 -1.20 -7.92
C VAL B 245 10.12 -0.75 -8.31
N ARG B 246 11.07 -1.69 -8.33
CA ARG B 246 12.45 -1.31 -8.57
C ARG B 246 12.64 -0.81 -10.01
N TYR B 247 11.79 -1.22 -10.94
CA TYR B 247 11.80 -0.63 -12.28
C TYR B 247 11.38 0.84 -12.25
N SER B 248 10.29 1.14 -11.57
N SER B 248 10.30 1.16 -11.55
CA SER B 248 9.73 2.49 -11.63
CA SER B 248 9.71 2.49 -11.64
C SER B 248 10.60 3.48 -10.87
C SER B 248 10.36 3.53 -10.73
N ILE B 249 11.12 3.11 -9.70
CA ILE B 249 11.82 4.06 -8.85
C ILE B 249 13.18 4.44 -9.44
N SER B 250 13.79 5.49 -8.92
CA SER B 250 15.09 5.92 -9.43
C SER B 250 16.19 4.94 -9.01
N ASN B 251 17.31 4.97 -9.72
CA ASN B 251 18.46 4.18 -9.27
C ASN B 251 18.92 4.62 -7.89
N THR B 252 18.79 5.92 -7.58
CA THR B 252 19.13 6.40 -6.25
C THR B 252 18.28 5.70 -5.20
N ALA B 253 16.99 5.58 -5.45
CA ALA B 253 16.09 4.92 -4.50
C ALA B 253 16.34 3.43 -4.44
N GLU B 254 16.59 2.81 -5.60
CA GLU B 254 16.82 1.36 -5.60
C GLU B 254 18.07 1.04 -4.81
N PHE B 255 19.14 1.81 -5.02
CA PHE B 255 20.36 1.64 -4.23
C PHE B 255 20.09 1.87 -2.75
N GLY B 256 19.38 2.96 -2.43
CA GLY B 256 19.02 3.22 -1.05
C GLY B 256 18.23 2.09 -0.40
N ASP B 257 17.30 1.49 -1.16
CA ASP B 257 16.55 0.32 -0.70
C ASP B 257 17.51 -0.78 -0.26
N TYR B 258 18.44 -1.17 -1.14
CA TYR B 258 19.33 -2.29 -0.85
C TYR B 258 20.24 -2.00 0.34
N VAL B 259 20.75 -0.78 0.46
N VAL B 259 20.73 -0.77 0.44
CA VAL B 259 21.74 -0.49 1.49
CA VAL B 259 21.70 -0.42 1.46
C VAL B 259 21.12 -0.12 2.84
C VAL B 259 21.03 -0.27 2.82
N SER B 260 19.90 0.44 2.87
CA SER B 260 19.30 0.86 4.13
C SER B 260 18.13 0.02 4.59
N GLY B 261 17.40 -0.65 3.71
CA GLY B 261 16.31 -1.51 4.10
C GLY B 261 16.69 -2.49 5.21
N PRO B 262 17.77 -3.25 4.99
CA PRO B 262 18.23 -4.20 6.03
C PRO B 262 18.84 -3.54 7.24
N ARG B 263 19.19 -2.26 7.15
CA ARG B 263 19.66 -1.52 8.31
C ARG B 263 18.49 -1.11 9.20
N VAL B 264 17.30 -0.95 8.63
CA VAL B 264 16.11 -0.59 9.40
C VAL B 264 15.40 -1.86 9.87
N ILE B 265 15.07 -2.75 8.93
CA ILE B 265 14.42 -4.03 9.23
C ILE B 265 15.56 -5.06 9.28
N THR B 266 16.16 -5.19 10.46
CA THR B 266 17.34 -6.02 10.71
C THR B 266 16.93 -7.46 10.95
N PRO B 267 17.90 -8.36 11.07
CA PRO B 267 17.55 -9.75 11.46
C PRO B 267 16.79 -9.82 12.79
N ASP B 268 17.03 -8.88 13.72
CA ASP B 268 16.25 -8.84 14.96
C ASP B 268 14.75 -8.72 14.67
N VAL B 269 14.38 -7.94 13.65
CA VAL B 269 12.95 -7.76 13.37
C VAL B 269 12.35 -9.06 12.89
N LYS B 270 13.04 -9.78 12.01
CA LYS B 270 12.54 -11.10 11.60
C LYS B 270 12.44 -12.05 12.79
N GLU B 271 13.43 -12.01 13.69
CA GLU B 271 13.35 -12.83 14.90
C GLU B 271 12.18 -12.44 15.78
N ASN B 272 11.85 -11.13 15.85
CA ASN B 272 10.65 -10.71 16.57
C ASN B 272 9.38 -11.27 15.93
N MET B 273 9.32 -11.25 14.59
CA MET B 273 8.17 -11.84 13.92
C MET B 273 8.04 -13.32 14.28
N LYS B 274 9.18 -14.04 14.34
CA LYS B 274 9.12 -15.45 14.69
C LYS B 274 8.56 -15.62 16.09
N ALA B 275 8.95 -14.74 17.03
CA ALA B 275 8.40 -14.82 18.39
C ALA B 275 6.89 -14.59 18.41
N VAL B 276 6.40 -13.65 17.60
CA VAL B 276 4.97 -13.40 17.49
C VAL B 276 4.26 -14.62 16.91
N LEU B 277 4.84 -15.23 15.88
CA LEU B 277 4.23 -16.43 15.32
C LEU B 277 4.19 -17.56 16.35
N THR B 278 5.26 -17.70 17.14
CA THR B 278 5.28 -18.77 18.14
C THR B 278 4.15 -18.60 19.14
N ASP B 279 3.92 -17.37 19.61
CA ASP B 279 2.82 -17.08 20.54
C ASP B 279 1.44 -17.26 19.91
N ILE B 280 1.31 -17.18 18.59
CA ILE B 280 0.07 -17.55 17.93
C ILE B 280 -0.10 -19.07 17.91
N GLN B 281 0.98 -19.79 17.57
CA GLN B 281 0.90 -21.25 17.46
C GLN B 281 0.65 -21.93 18.79
N ASN B 282 1.19 -21.39 19.89
CA ASN B 282 1.13 -22.11 21.16
C ASN B 282 -0.04 -21.68 22.05
N GLY B 283 -0.95 -20.85 21.55
CA GLY B 283 -2.13 -20.48 22.29
C GLY B 283 -1.96 -19.25 23.16
N ASN B 284 -0.75 -18.69 23.26
CA ASN B 284 -0.58 -17.55 24.13
C ASN B 284 -1.37 -16.35 23.64
N PHE B 285 -1.35 -16.08 22.34
CA PHE B 285 -2.11 -14.92 21.86
C PHE B 285 -3.61 -15.14 22.02
N SER B 286 -4.11 -16.28 21.53
CA SER B 286 -5.55 -16.53 21.62
C SER B 286 -6.00 -16.53 23.08
N ASN B 287 -5.20 -17.12 23.97
CA ASN B 287 -5.62 -17.14 25.37
C ASN B 287 -5.68 -15.72 25.94
N ARG B 288 -4.71 -14.88 25.59
CA ARG B 288 -4.71 -13.48 26.05
C ARG B 288 -5.97 -12.76 25.57
N PHE B 289 -6.35 -12.95 24.30
CA PHE B 289 -7.52 -12.29 23.74
C PHE B 289 -8.81 -12.84 24.37
N ILE B 290 -8.91 -14.17 24.47
CA ILE B 290 -10.09 -14.81 25.06
C ILE B 290 -10.29 -14.33 26.48
N GLU B 291 -9.20 -14.29 27.25
CA GLU B 291 -9.32 -13.91 28.66
C GLU B 291 -9.60 -12.41 28.79
N ASP B 292 -9.02 -11.57 27.93
CA ASP B 292 -9.32 -10.15 28.05
C ASP B 292 -10.78 -9.88 27.73
N ASN B 293 -11.32 -10.56 26.71
CA ASN B 293 -12.75 -10.43 26.45
C ASN B 293 -13.58 -10.83 27.67
N LYS B 294 -13.20 -11.91 28.34
CA LYS B 294 -13.96 -12.32 29.52
C LYS B 294 -13.94 -11.24 30.59
N ASN B 295 -12.89 -10.40 30.62
CA ASN B 295 -12.74 -9.32 31.58
C ASN B 295 -13.23 -7.98 31.04
N GLY B 296 -14.14 -8.01 30.08
CA GLY B 296 -14.69 -6.80 29.52
C GLY B 296 -13.73 -6.00 28.67
N PHE B 297 -12.69 -6.63 28.12
CA PHE B 297 -11.75 -5.96 27.21
C PHE B 297 -10.99 -4.83 27.90
N LYS B 298 -10.66 -5.02 29.18
CA LYS B 298 -9.89 -4.01 29.91
C LYS B 298 -8.58 -3.68 29.20
N GLU B 299 -7.82 -4.71 28.82
CA GLU B 299 -6.52 -4.45 28.20
C GLU B 299 -6.71 -3.89 26.80
N PHE B 300 -7.61 -4.48 26.02
CA PHE B 300 -7.87 -4.03 24.67
C PHE B 300 -8.19 -2.55 24.65
N TYR B 301 -9.14 -2.12 25.48
CA TYR B 301 -9.54 -0.72 25.43
C TYR B 301 -8.48 0.20 26.03
N LYS B 302 -7.70 -0.27 27.00
CA LYS B 302 -6.57 0.54 27.49
C LYS B 302 -5.55 0.75 26.39
N LEU B 303 -5.23 -0.30 25.64
CA LEU B 303 -4.25 -0.15 24.56
C LEU B 303 -4.80 0.72 23.45
N ARG B 304 -6.10 0.61 23.16
CA ARG B 304 -6.71 1.46 22.15
C ARG B 304 -6.56 2.93 22.51
N GLU B 305 -6.80 3.26 23.78
N GLU B 305 -6.81 3.26 23.78
CA GLU B 305 -6.68 4.66 24.21
CA GLU B 305 -6.68 4.65 24.22
C GLU B 305 -5.24 5.16 24.14
C GLU B 305 -5.24 5.14 24.11
N GLU B 306 -4.27 4.30 24.48
CA GLU B 306 -2.86 4.69 24.38
C GLU B 306 -2.44 5.00 22.95
N GLN B 307 -3.03 4.32 21.97
CA GLN B 307 -2.63 4.50 20.59
C GLN B 307 -3.46 5.55 19.87
N HIS B 308 -4.30 6.28 20.59
CA HIS B 308 -5.18 7.26 19.98
C HIS B 308 -4.48 8.61 19.94
N GLY B 309 -4.70 9.35 18.85
CA GLY B 309 -4.34 10.75 18.82
C GLY B 309 -2.95 11.13 18.35
N HIS B 310 -2.33 10.31 17.50
CA HIS B 310 -0.99 10.62 17.00
C HIS B 310 -1.00 11.86 16.11
N GLN B 311 0.13 12.58 16.09
CA GLN B 311 0.25 13.76 15.21
C GLN B 311 -0.04 13.41 13.76
N ILE B 312 0.37 12.22 13.32
CA ILE B 312 0.21 11.88 11.90
C ILE B 312 -1.26 11.85 11.52
N GLU B 313 -2.14 11.51 12.47
CA GLU B 313 -3.56 11.46 12.14
C GLU B 313 -4.14 12.86 11.96
N LYS B 314 -3.68 13.81 12.78
N LYS B 314 -3.68 13.81 12.78
CA LYS B 314 -4.17 15.19 12.65
CA LYS B 314 -4.15 15.19 12.66
C LYS B 314 -3.71 15.81 11.33
C LYS B 314 -3.71 15.80 11.34
N VAL B 315 -2.44 15.59 10.97
CA VAL B 315 -1.91 16.11 9.70
C VAL B 315 -2.66 15.48 8.54
N GLY B 316 -2.86 14.17 8.61
CA GLY B 316 -3.57 13.48 7.54
C GLY B 316 -5.00 13.97 7.34
N ARG B 317 -5.73 14.18 8.44
CA ARG B 317 -7.07 14.76 8.31
C ARG B 317 -7.03 16.07 7.54
N GLU B 318 -6.09 16.95 7.91
CA GLU B 318 -6.02 18.25 7.25
C GLU B 318 -5.75 18.12 5.76
N LEU B 319 -4.81 17.25 5.39
CA LEU B 319 -4.47 17.14 3.98
C LEU B 319 -5.54 16.39 3.18
N ARG B 320 -6.12 15.34 3.76
CA ARG B 320 -7.10 14.55 3.01
C ARG B 320 -8.36 15.36 2.72
N GLU B 321 -8.70 16.30 3.61
CA GLU B 321 -9.91 17.09 3.42
C GLU B 321 -9.85 17.85 2.11
N MET B 322 -8.64 18.21 1.68
CA MET B 322 -8.44 19.04 0.51
C MET B 322 -8.14 18.25 -0.75
N MET B 323 -8.17 16.90 -0.71
CA MET B 323 -7.99 16.09 -1.90
C MET B 323 -9.34 15.56 -2.37
N PRO B 324 -9.92 16.12 -3.44
CA PRO B 324 -11.28 15.69 -3.84
C PRO B 324 -11.36 14.22 -4.20
N PHE B 325 -10.31 13.63 -4.78
CA PHE B 325 -10.36 12.27 -5.30
C PHE B 325 -10.36 11.20 -4.22
N ILE B 326 -10.11 11.55 -2.96
CA ILE B 326 -10.08 10.57 -1.88
C ILE B 326 -11.47 10.33 -1.28
PA NDP C . 15.20 6.92 -15.11
O1A NDP C . 13.83 6.33 -15.15
O2A NDP C . 16.35 6.04 -14.72
O5B NDP C . 15.35 7.45 -16.65
C5B NDP C . 16.52 8.11 -16.83
C4B NDP C . 16.45 8.70 -18.31
O4B NDP C . 17.67 9.41 -18.62
C3B NDP C . 16.26 7.56 -19.36
O3B NDP C . 15.38 7.98 -20.38
C2B NDP C . 17.71 7.42 -19.96
O2B NDP C . 17.77 7.09 -21.27
C1B NDP C . 18.13 8.89 -19.88
N9A NDP C . 19.58 9.06 -19.95
C8A NDP C . 20.57 8.35 -19.29
N7A NDP C . 21.83 8.78 -19.61
C5A NDP C . 21.62 9.78 -20.54
C6A NDP C . 22.50 10.60 -21.22
N6A NDP C . 23.86 10.49 -21.06
N1A NDP C . 22.01 11.53 -22.10
C2A NDP C . 20.64 11.61 -22.23
N3A NDP C . 19.68 10.90 -21.63
C4A NDP C . 20.22 9.98 -20.76
O3 NDP C . 15.25 8.29 -14.20
PN NDP C . 14.09 8.57 -13.12
O1N NDP C . 12.89 9.10 -13.78
O2N NDP C . 13.99 7.49 -12.07
O5D NDP C . 14.77 9.80 -12.23
C5D NDP C . 14.99 11.01 -12.90
C4D NDP C . 14.97 12.13 -11.81
O4D NDP C . 13.68 12.13 -11.14
C3D NDP C . 16.06 11.87 -10.73
O3D NDP C . 16.55 13.11 -10.32
C2D NDP C . 15.24 11.19 -9.59
O2D NDP C . 15.77 11.40 -8.33
C1D NDP C . 13.90 11.96 -9.72
N1N NDP C . 12.71 11.27 -9.22
C2N NDP C . 12.35 10.01 -9.68
C3N NDP C . 11.25 9.39 -9.15
C7N NDP C . 10.78 8.18 -9.72
O7N NDP C . 9.58 7.88 -9.66
N7N NDP C . 11.61 7.34 -10.40
C4N NDP C . 10.47 9.98 -8.04
C5N NDP C . 10.71 11.44 -7.95
C6N NDP C . 11.76 12.02 -8.51
P2B NDP C . 18.35 5.47 -21.66
O1X NDP C . 19.02 5.79 -22.96
O2X NDP C . 17.03 4.67 -21.78
O3X NDP C . 19.23 5.13 -20.51
MG MG D . 14.05 9.80 -4.54
MG MG E . 10.59 10.47 -3.48
C02 EN4 F . 12.75 7.81 -6.05
C03 EN4 F . 11.70 8.54 -5.22
C06 EN4 F . 10.12 6.56 -5.17
C07 EN4 F . 9.96 5.77 -3.80
C08 EN4 F . 8.74 5.16 -3.82
C09 EN4 F . 8.05 5.43 -5.30
C10 EN4 F . 8.69 6.50 -5.87
N04 EN4 F . 10.45 7.94 -4.84
O01 EN4 F . 13.94 8.14 -5.91
O05 EN4 F . 9.57 8.71 -4.10
O11 EN4 F . 11.92 9.66 -4.90
O12 EN4 F . 12.43 6.92 -6.88
C02 81B G . 12.71 7.89 -6.10
C03 81B G . 11.74 8.43 -5.06
C05 81B G . 10.12 6.42 -4.96
C06 81B G . 8.67 6.48 -5.76
C07 81B G . 7.89 5.45 -5.26
C08 81B G . 8.69 4.79 -4.05
C09 81B G . 9.86 5.82 -3.76
N04 81B G . 10.56 7.74 -4.60
O01 81B G . 12.40 6.99 -6.91
O10 81B G . 11.94 9.50 -4.58
O11 81B G . 13.85 8.43 -6.17
C02 EN4 H . -8.96 -9.07 10.34
C03 EN4 H . -8.12 -9.60 9.19
C06 EN4 H . -7.41 -7.31 8.31
C07 EN4 H . -5.90 -6.81 8.30
C08 EN4 H . -5.77 -5.87 7.33
C09 EN4 H . -7.26 -5.63 6.62
C10 EN4 H . -8.08 -6.65 7.01
N04 EN4 H . -7.42 -8.78 8.25
O01 EN4 H . -9.50 -7.93 10.30
O05 EN4 H . -6.67 -9.45 7.27
O11 EN4 H . -8.04 -10.79 9.08
O12 EN4 H . -9.12 -9.85 11.31
C02 81B I . -8.88 -9.10 10.33
C03 81B I . -8.08 -9.59 9.15
C05 81B I . -7.38 -7.30 8.21
C06 81B I . -8.06 -6.58 6.87
C07 81B I . -7.20 -5.58 6.44
C08 81B I . -5.96 -5.60 7.44
C09 81B I . -6.04 -7.01 8.14
N04 81B I . -7.44 -8.74 8.17
O01 81B I . -8.96 -9.93 11.28
O10 81B I . -8.01 -10.77 9.01
O11 81B I . -9.46 -7.98 10.36
PA NDP J . -17.64 -6.57 13.06
O1A NDP J . -17.63 -5.66 11.86
O2A NDP J . -16.90 -6.12 14.29
O5B NDP J . -19.14 -7.08 13.47
C5B NDP J . -20.04 -6.06 13.66
C4B NDP J . -21.40 -6.86 13.67
O4B NDP J . -21.51 -7.72 14.87
C3B NDP J . -22.48 -5.83 13.70
O3B NDP J . -23.53 -6.25 12.89
C2B NDP J . -22.92 -5.82 15.18
O2B NDP J . -24.22 -5.57 15.33
C1B NDP J . -22.68 -7.32 15.56
N9A NDP J . -22.43 -7.41 17.01
C8A NDP J . -21.45 -6.74 17.76
N7A NDP J . -21.48 -7.01 19.08
C5A NDP J . -22.57 -7.90 19.20
C6A NDP J . -23.13 -8.54 20.29
N6A NDP J . -22.61 -8.35 21.56
N1A NDP J . -24.20 -9.37 20.16
C2A NDP J . -24.66 -9.51 18.88
N3A NDP J . -24.25 -8.95 17.72
C4A NDP J . -23.17 -8.15 17.91
O3 NDP J . -17.08 -8.05 12.64
PN NDP J . -16.03 -8.24 11.45
O1N NDP J . -16.73 -8.25 10.15
O2N NDP J . -14.75 -7.46 11.70
O5D NDP J . -15.53 -9.84 11.65
C5D NDP J . -16.51 -10.85 11.51
C4D NDP J . -15.75 -12.17 11.20
O4D NDP J . -14.96 -11.98 10.02
C3D NDP J . -14.71 -12.53 12.31
O3D NDP J . -14.65 -13.91 12.38
C2D NDP J . -13.39 -11.93 11.76
O2D NDP J . -12.23 -12.61 12.21
C1D NDP J . -13.61 -12.32 10.28
N1N NDP J . -12.85 -11.47 9.35
C2N NDP J . -12.95 -10.09 9.38
C3N NDP J . -12.21 -9.35 8.49
C7N NDP J . -12.42 -7.90 8.37
O7N NDP J . -12.26 -7.33 7.28
N7N NDP J . -12.91 -7.15 9.44
C4N NDP J . -11.24 -9.96 7.57
C5N NDP J . -11.53 -11.39 7.37
C6N NDP J . -12.27 -12.08 8.24
P2B NDP J . -24.78 -4.12 16.18
O1X NDP J . -23.66 -3.98 17.17
O2X NDP J . -26.14 -4.57 16.72
O3X NDP J . -24.82 -3.11 15.06
MG MG K . -6.91 -11.55 7.44
MG MG L . -8.02 -11.67 10.96
N1 IMD M . -13.67 -16.08 22.16
C2 IMD M . -13.27 -16.02 20.89
N3 IMD M . -12.45 -14.95 20.78
C4 IMD M . -12.34 -14.37 21.96
C5 IMD M . -13.12 -15.09 22.83
#